data_7FDL
#
_entry.id   7FDL
#
_cell.length_a   75.913
_cell.length_b   193.392
_cell.length_c   224.661
_cell.angle_alpha   90.000
_cell.angle_beta   90.000
_cell.angle_gamma   90.000
#
_symmetry.space_group_name_H-M   'C 2 2 21'
#
loop_
_entity.id
_entity.type
_entity.pdbx_description
1 polymer 'Transcription factor EGL1'
2 polymer 'Transcription factor WER'
#
loop_
_entity_poly.entity_id
_entity_poly.type
_entity_poly.pdbx_seq_one_letter_code
_entity_poly.pdbx_strand_id
1 'polypeptide(L)'
;TVPDNLKKQLAVSVRNIQWSYGIFWSVSASQPGVLEWGDGYYNGDIKTRKTIQAAEVKIDQLGLERSEQLRELYESLSLA
ESSASGSSQVTRRASAAALSPEDLTDTEWYYLVCMSFVFNIGEGIPGGALSNGEPIWLCNAETADSKVFTRSLLAKSASL
QTVVCFPFLGGVLEIGTTEHIKEDMNVIQSVKTLFLEA
;
A,C,E,G,I,K
2 'polypeptide(L)' PNVKRGNFTEQEEDLIIRLHKLLGNRWSLIAKRVPGRTDNQVKNYWNTHLSKKL B,D,F,H,J,L
#
# COMPACT_ATOMS: atom_id res chain seq x y z
N VAL A 2 18.85 7.54 19.94
CA VAL A 2 18.85 6.18 20.40
C VAL A 2 19.00 5.16 19.28
N PRO A 3 18.15 5.18 18.28
CA PRO A 3 18.27 4.21 17.18
C PRO A 3 19.42 4.47 16.18
N ASP A 4 20.16 3.40 15.85
CA ASP A 4 21.26 3.44 14.87
C ASP A 4 22.41 4.46 15.11
N ASN A 5 22.73 5.25 14.07
CA ASN A 5 23.77 6.26 14.09
C ASN A 5 22.98 7.48 13.65
N LEU A 6 22.20 7.93 14.63
CA LEU A 6 21.22 8.99 14.56
C LEU A 6 21.76 10.37 14.40
N LYS A 7 22.89 10.60 15.01
CA LYS A 7 23.48 11.91 15.04
C LYS A 7 23.55 12.46 13.65
N LYS A 8 23.91 11.64 12.68
CA LYS A 8 24.01 12.13 11.33
C LYS A 8 22.67 12.36 10.73
N GLN A 9 21.82 11.37 10.85
CA GLN A 9 20.50 11.48 10.23
C GLN A 9 19.77 12.71 10.74
N LEU A 10 19.95 13.05 12.02
CA LEU A 10 19.46 14.33 12.52
C LEU A 10 20.22 15.48 11.88
N ALA A 11 21.54 15.37 11.82
CA ALA A 11 22.35 16.44 11.26
C ALA A 11 21.92 16.75 9.83
N VAL A 12 21.86 15.73 8.97
CA VAL A 12 21.50 16.02 7.59
C VAL A 12 20.09 16.57 7.51
N SER A 13 19.19 16.12 8.38
CA SER A 13 17.79 16.49 8.23
C SER A 13 17.56 17.97 8.46
N VAL A 14 18.06 18.50 9.58
CA VAL A 14 17.75 19.88 9.92
C VAL A 14 18.45 20.86 9.02
N ARG A 15 19.62 20.50 8.47
CA ARG A 15 20.37 21.43 7.63
C ARG A 15 19.64 21.76 6.34
N ASN A 16 18.94 20.80 5.73
CA ASN A 16 18.28 21.13 4.45
C ASN A 16 17.01 21.95 4.66
N ILE A 17 16.26 21.67 5.73
CA ILE A 17 15.07 22.49 6.01
C ILE A 17 15.43 23.85 6.56
N GLN A 18 16.69 24.08 6.93
CA GLN A 18 17.17 25.36 7.44
C GLN A 18 16.43 25.77 8.71
N TRP A 19 16.36 24.85 9.66
CA TRP A 19 15.90 25.20 10.99
C TRP A 19 17.10 25.22 11.94
N SER A 20 16.88 25.83 13.10
CA SER A 20 18.00 26.14 13.97
C SER A 20 18.47 24.92 14.75
N TYR A 21 17.56 24.09 15.21
CA TYR A 21 17.99 22.92 15.95
C TYR A 21 16.99 21.79 15.72
N GLY A 22 17.45 20.60 16.00
CA GLY A 22 16.63 19.42 16.01
C GLY A 22 16.99 18.57 17.20
N ILE A 23 15.98 18.05 17.89
CA ILE A 23 16.14 17.19 19.06
C ILE A 23 15.32 15.93 18.84
N PHE A 24 15.86 14.78 19.20
CA PHE A 24 15.12 13.53 19.21
C PHE A 24 14.96 13.07 20.65
N TRP A 25 13.72 12.97 21.12
CA TRP A 25 13.43 12.52 22.47
C TRP A 25 13.09 11.04 22.44
N SER A 26 13.91 10.24 23.10
CA SER A 26 13.76 8.80 23.15
C SER A 26 13.07 8.40 24.45
N VAL A 27 12.29 7.32 24.39
CA VAL A 27 11.67 6.81 25.59
C VAL A 27 12.75 6.27 26.52
N SER A 28 12.59 6.55 27.82
CA SER A 28 13.60 6.14 28.78
C SER A 28 13.65 4.63 28.96
N ALA A 29 14.87 4.10 29.08
CA ALA A 29 15.03 2.67 29.33
C ALA A 29 14.58 2.29 30.73
N SER A 30 14.75 3.20 31.69
CA SER A 30 14.30 2.93 33.06
C SER A 30 12.79 3.17 33.18
N GLN A 31 12.37 4.42 33.19
CA GLN A 31 10.96 4.74 33.38
C GLN A 31 10.21 4.59 32.05
N PRO A 32 9.22 3.71 31.96
CA PRO A 32 8.48 3.60 30.70
C PRO A 32 7.53 4.78 30.54
N GLY A 33 7.41 5.25 29.31
CA GLY A 33 6.51 6.33 28.97
C GLY A 33 7.02 7.72 29.27
N VAL A 34 8.27 7.88 29.70
CA VAL A 34 8.89 9.18 29.89
C VAL A 34 9.98 9.34 28.84
N LEU A 35 10.02 10.52 28.23
CA LEU A 35 11.01 10.83 27.21
C LEU A 35 12.18 11.59 27.81
N GLU A 36 13.35 11.39 27.23
CA GLU A 36 14.58 12.00 27.70
C GLU A 36 15.39 12.42 26.49
N TRP A 37 16.32 13.34 26.70
CA TRP A 37 17.13 13.82 25.60
C TRP A 37 17.89 12.66 24.98
N GLY A 38 17.49 12.23 23.78
CA GLY A 38 18.16 11.14 23.13
C GLY A 38 19.39 11.61 22.37
N ASP A 39 19.17 12.40 21.34
CA ASP A 39 20.25 13.10 20.65
C ASP A 39 19.66 14.32 19.96
N GLY A 40 20.55 15.13 19.42
CA GLY A 40 20.14 16.35 18.75
C GLY A 40 21.23 16.77 17.79
N TYR A 41 20.91 17.81 17.01
CA TYR A 41 21.94 18.49 16.24
C TYR A 41 21.61 19.97 16.27
N TYR A 42 22.59 20.81 16.54
CA TYR A 42 22.36 22.25 16.60
C TYR A 42 22.96 22.90 15.36
N ASN A 43 22.22 23.86 14.81
CA ASN A 43 22.60 24.49 13.56
C ASN A 43 22.15 25.94 13.62
N GLY A 44 22.70 26.69 14.58
CA GLY A 44 22.37 28.09 14.66
C GLY A 44 23.57 28.88 14.19
N ASP A 45 23.87 29.98 14.87
CA ASP A 45 25.04 30.78 14.51
C ASP A 45 26.08 30.71 15.62
N ILE A 46 27.26 31.23 15.30
CA ILE A 46 28.40 31.26 16.22
C ILE A 46 28.81 32.71 16.42
N LYS A 47 29.36 33.00 17.59
CA LYS A 47 29.87 34.34 17.87
C LYS A 47 31.38 34.36 17.74
N ASP A 60 30.48 22.50 6.61
CA ASP A 60 31.13 21.22 6.34
C ASP A 60 30.97 20.28 7.53
N GLN A 61 32.07 20.11 8.28
CA GLN A 61 32.09 19.23 9.43
C GLN A 61 32.19 19.97 10.76
N LEU A 62 32.41 21.28 10.74
CA LEU A 62 32.49 22.04 11.99
C LEU A 62 31.12 22.18 12.64
N GLY A 63 30.07 22.33 11.83
CA GLY A 63 28.73 22.37 12.38
C GLY A 63 28.36 21.11 13.14
N LEU A 64 28.95 19.97 12.75
CA LEU A 64 28.74 18.76 13.53
C LEU A 64 29.57 18.75 14.79
N GLU A 65 30.83 19.22 14.70
CA GLU A 65 31.70 19.21 15.87
C GLU A 65 31.13 20.12 16.94
N ARG A 66 30.48 21.21 16.54
CA ARG A 66 29.91 22.13 17.51
C ARG A 66 28.78 21.49 18.29
N SER A 67 27.84 20.85 17.58
CA SER A 67 26.72 20.23 18.26
C SER A 67 27.18 19.21 19.29
N GLU A 68 28.31 18.56 19.04
CA GLU A 68 28.88 17.67 20.03
C GLU A 68 29.61 18.43 21.12
N GLN A 69 30.04 19.66 20.84
CA GLN A 69 30.72 20.45 21.86
C GLN A 69 29.73 20.98 22.89
N LEU A 70 28.49 21.17 22.46
CA LEU A 70 27.45 21.57 23.36
C LEU A 70 27.03 20.37 24.20
N ARG A 71 27.18 19.17 23.70
CA ARG A 71 26.83 18.02 24.51
C ARG A 71 28.00 17.62 25.41
N GLU A 72 29.24 17.78 24.93
CA GLU A 72 30.40 17.62 25.82
C GLU A 72 30.34 18.63 26.95
N LEU A 73 30.00 19.88 26.65
CA LEU A 73 29.94 20.91 27.68
C LEU A 73 28.83 20.62 28.67
N TYR A 74 27.67 20.16 28.18
CA TYR A 74 26.56 19.87 29.08
C TYR A 74 26.90 18.76 30.07
N GLU A 75 27.55 17.68 29.62
CA GLU A 75 27.73 16.57 30.54
C GLU A 75 28.86 16.82 31.54
N SER A 76 29.78 17.74 31.27
CA SER A 76 30.74 18.10 32.31
C SER A 76 30.07 18.98 33.35
N LEU A 77 29.14 19.84 32.95
CA LEU A 77 28.49 20.68 33.95
C LEU A 77 27.44 19.91 34.74
N SER A 78 26.81 18.90 34.15
CA SER A 78 25.78 18.15 34.86
C SER A 78 26.36 17.15 35.86
N LEU A 79 27.50 16.55 35.55
CA LEU A 79 28.20 15.68 36.49
C LEU A 79 29.17 16.42 37.40
N ALA A 80 28.97 17.72 37.61
CA ALA A 80 29.83 18.48 38.52
C ALA A 80 29.09 18.81 39.81
N VAL A 90 39.64 15.77 17.50
CA VAL A 90 39.35 17.14 17.05
C VAL A 90 40.60 18.02 17.12
N THR A 91 40.82 18.84 16.10
CA THR A 91 42.00 19.69 16.05
C THR A 91 41.58 21.16 15.98
N ARG A 92 41.97 21.92 16.99
CA ARG A 92 41.77 23.36 17.04
C ARG A 92 43.15 24.03 16.94
N ARG A 93 43.21 25.30 17.34
CA ARG A 93 44.48 26.02 17.45
C ARG A 93 44.96 26.02 18.89
N ALA A 94 46.28 25.99 19.06
CA ALA A 94 46.89 25.88 20.38
C ALA A 94 46.45 27.01 21.31
N SER A 95 46.37 28.24 20.79
CA SER A 95 45.92 29.38 21.58
C SER A 95 44.42 29.56 21.56
N ALA A 96 43.69 28.76 20.78
CA ALA A 96 42.24 28.86 20.76
C ALA A 96 41.65 28.32 22.06
N ALA A 97 40.64 29.02 22.57
CA ALA A 97 40.00 28.62 23.82
C ALA A 97 38.86 27.66 23.54
N ALA A 98 38.76 26.62 24.36
CA ALA A 98 37.70 25.63 24.25
C ALA A 98 36.34 26.25 24.57
N LEU A 99 35.28 25.49 24.34
CA LEU A 99 33.92 25.98 24.57
C LEU A 99 33.63 26.07 26.07
N SER A 100 33.12 27.22 26.51
CA SER A 100 32.76 27.42 27.89
C SER A 100 31.45 28.31 27.94
N PRO A 101 30.67 28.14 29.02
CA PRO A 101 29.34 28.81 29.05
C PRO A 101 29.30 30.23 28.53
N GLU A 102 30.37 30.98 28.68
CA GLU A 102 30.36 32.38 28.25
C GLU A 102 30.53 32.54 26.75
N ASP A 103 30.69 31.45 26.01
CA ASP A 103 30.80 31.52 24.55
C ASP A 103 29.50 31.14 23.85
N LEU A 104 28.44 30.85 24.59
CA LEU A 104 27.21 30.35 24.00
C LEU A 104 26.31 31.51 23.61
N THR A 105 25.74 31.44 22.41
CA THR A 105 24.77 32.41 21.97
C THR A 105 23.41 32.08 22.56
N ASP A 106 22.39 32.89 22.23
CA ASP A 106 21.08 32.69 22.85
C ASP A 106 20.52 31.31 22.53
N THR A 107 20.67 30.87 21.28
CA THR A 107 20.07 29.60 20.90
C THR A 107 20.88 28.41 21.36
N GLU A 108 22.21 28.54 21.49
CA GLU A 108 22.95 27.41 22.02
C GLU A 108 22.69 27.20 23.50
N TRP A 109 22.34 28.28 24.21
CA TRP A 109 21.86 28.13 25.58
C TRP A 109 20.52 27.43 25.61
N TYR A 110 19.60 27.80 24.72
CA TYR A 110 18.35 27.07 24.64
C TYR A 110 18.61 25.60 24.35
N TYR A 111 19.48 25.32 23.39
CA TYR A 111 19.72 23.95 22.99
C TYR A 111 20.38 23.17 24.11
N LEU A 112 21.26 23.82 24.89
CA LEU A 112 21.94 23.11 25.96
C LEU A 112 21.01 22.82 27.12
N VAL A 113 20.18 23.80 27.50
CA VAL A 113 19.29 23.62 28.64
C VAL A 113 18.22 22.58 28.35
N CYS A 114 17.88 22.35 27.07
CA CYS A 114 16.89 21.32 26.79
C CYS A 114 17.37 19.93 27.11
N MET A 115 18.68 19.71 27.20
CA MET A 115 19.14 18.36 27.49
C MET A 115 18.82 17.93 28.91
N SER A 116 18.62 18.87 29.82
CA SER A 116 18.21 18.61 31.19
C SER A 116 16.73 18.33 31.31
N PHE A 117 16.00 18.27 30.20
CA PHE A 117 14.54 18.16 30.26
C PHE A 117 14.12 16.70 30.20
N VAL A 118 13.08 16.38 30.95
CA VAL A 118 12.50 15.03 30.98
C VAL A 118 10.99 15.21 31.03
N PHE A 119 10.27 14.43 30.23
CA PHE A 119 8.83 14.60 30.09
C PHE A 119 8.13 13.30 30.42
N ASN A 120 7.18 13.38 31.35
CA ASN A 120 6.29 12.25 31.51
C ASN A 120 5.38 12.16 30.30
N ILE A 121 4.58 11.10 30.24
CA ILE A 121 3.65 10.93 29.15
C ILE A 121 2.60 12.02 29.22
N GLY A 122 2.37 12.70 28.10
CA GLY A 122 1.38 13.76 28.02
C GLY A 122 1.87 15.14 28.41
N GLU A 123 3.00 15.24 29.13
CA GLU A 123 3.54 16.51 29.59
C GLU A 123 4.47 17.14 28.56
N GLY A 124 4.40 18.46 28.43
CA GLY A 124 5.14 19.20 27.42
C GLY A 124 4.60 18.93 26.02
N ILE A 125 5.29 19.46 25.02
CA ILE A 125 4.89 19.12 23.66
C ILE A 125 5.53 17.81 23.21
N PRO A 126 6.71 17.40 23.69
CA PRO A 126 7.15 16.05 23.32
C PRO A 126 6.28 14.97 23.93
N GLY A 127 5.95 15.08 25.21
CA GLY A 127 5.04 14.13 25.80
C GLY A 127 3.65 14.20 25.20
N GLY A 128 3.23 15.38 24.77
CA GLY A 128 1.94 15.50 24.11
C GLY A 128 1.94 14.89 22.72
N ALA A 129 3.04 15.06 21.98
CA ALA A 129 3.12 14.43 20.67
C ALA A 129 3.21 12.92 20.79
N LEU A 130 3.91 12.43 21.80
CA LEU A 130 3.98 10.99 21.99
C LEU A 130 2.63 10.44 22.43
N SER A 131 1.94 11.14 23.33
CA SER A 131 0.67 10.63 23.84
C SER A 131 -0.42 10.76 22.80
N ASN A 132 -0.44 11.85 22.04
CA ASN A 132 -1.47 12.04 21.03
C ASN A 132 -1.13 11.35 19.73
N GLY A 133 0.14 11.01 19.50
CA GLY A 133 0.52 10.37 18.27
C GLY A 133 0.37 11.23 17.04
N GLU A 134 0.33 12.55 17.21
CA GLU A 134 0.23 13.46 16.09
C GLU A 134 1.13 14.66 16.34
N PRO A 135 1.53 15.36 15.29
CA PRO A 135 2.39 16.53 15.47
C PRO A 135 1.72 17.65 16.25
N ILE A 136 2.56 18.48 16.86
CA ILE A 136 2.13 19.68 17.56
C ILE A 136 2.91 20.84 16.98
N TRP A 137 2.32 21.55 16.02
CA TRP A 137 2.94 22.74 15.45
C TRP A 137 2.64 23.93 16.35
N LEU A 138 3.69 24.60 16.78
CA LEU A 138 3.61 25.58 17.84
C LEU A 138 4.20 26.87 17.30
N CYS A 139 3.38 27.91 17.29
CA CYS A 139 3.71 29.24 16.81
C CYS A 139 3.91 30.20 17.97
N ASN A 140 4.59 31.32 17.69
CA ASN A 140 5.00 32.30 18.72
C ASN A 140 5.35 31.56 20.00
N ALA A 141 6.41 30.76 19.93
CA ALA A 141 6.76 29.94 21.08
C ALA A 141 7.24 30.77 22.25
N GLU A 142 7.86 31.92 22.00
CA GLU A 142 8.42 32.71 23.09
C GLU A 142 7.37 33.15 24.10
N THR A 143 6.10 33.17 23.72
CA THR A 143 5.06 33.61 24.63
C THR A 143 3.94 32.59 24.81
N ALA A 144 4.13 31.34 24.40
CA ALA A 144 3.13 30.34 24.71
C ALA A 144 3.11 30.12 26.23
N ASP A 145 1.99 29.61 26.73
CA ASP A 145 1.85 29.45 28.18
C ASP A 145 2.19 28.01 28.57
N SER A 146 2.72 27.85 29.79
CA SER A 146 3.23 26.55 30.24
C SER A 146 2.23 25.43 30.02
N LYS A 147 0.93 25.73 30.00
CA LYS A 147 -0.04 24.68 29.80
C LYS A 147 0.12 23.98 28.45
N VAL A 148 0.93 24.52 27.56
CA VAL A 148 1.17 23.87 26.28
C VAL A 148 2.67 23.71 26.05
N PHE A 149 3.48 24.66 26.54
CA PHE A 149 4.89 24.67 26.18
C PHE A 149 5.71 24.93 27.44
N THR A 150 6.32 23.87 27.97
CA THR A 150 7.06 23.95 29.23
C THR A 150 8.23 24.92 29.17
N ARG A 151 8.83 25.13 28.01
CA ARG A 151 10.06 25.91 27.90
C ARG A 151 9.87 27.16 27.06
N SER A 152 8.70 27.79 27.17
CA SER A 152 8.47 29.02 26.41
C SER A 152 9.41 30.13 26.85
N LEU A 153 9.57 30.30 28.17
CA LEU A 153 10.46 31.35 28.66
C LEU A 153 11.89 31.10 28.21
N LEU A 154 12.31 29.83 28.11
CA LEU A 154 13.62 29.55 27.56
C LEU A 154 13.67 29.88 26.08
N ALA A 155 12.54 29.71 25.37
CA ALA A 155 12.49 30.04 23.95
C ALA A 155 12.59 31.53 23.72
N LYS A 156 11.97 32.33 24.58
CA LYS A 156 12.07 33.77 24.40
C LYS A 156 13.47 34.26 24.67
N SER A 157 14.17 33.63 25.62
CA SER A 157 15.58 33.91 25.85
C SER A 157 16.42 33.71 24.60
N ALA A 158 15.94 32.87 23.68
CA ALA A 158 16.62 32.63 22.41
C ALA A 158 15.80 33.07 21.20
N SER A 159 14.64 33.68 21.43
CA SER A 159 13.76 34.20 20.39
C SER A 159 13.54 33.19 19.26
N LEU A 160 13.08 31.99 19.63
CA LEU A 160 12.56 31.04 18.66
C LEU A 160 11.04 31.13 18.68
N GLN A 161 10.43 31.28 17.50
CA GLN A 161 8.99 31.46 17.44
C GLN A 161 8.23 30.20 17.08
N THR A 162 8.85 29.26 16.37
CA THR A 162 8.17 28.03 15.97
C THR A 162 8.92 26.84 16.50
N VAL A 163 8.21 25.94 17.16
CA VAL A 163 8.74 24.68 17.65
C VAL A 163 7.78 23.58 17.22
N VAL A 164 8.31 22.51 16.67
CA VAL A 164 7.48 21.43 16.17
C VAL A 164 7.98 20.12 16.73
N CYS A 165 7.06 19.34 17.30
CA CYS A 165 7.28 17.96 17.70
C CYS A 165 6.28 17.08 16.99
N PHE A 166 6.67 15.83 16.74
CA PHE A 166 5.83 14.84 16.10
C PHE A 166 6.43 13.47 16.44
N PRO A 167 5.61 12.43 16.52
CA PRO A 167 6.16 11.11 16.83
C PRO A 167 6.93 10.54 15.66
N PHE A 168 7.98 9.79 15.97
CA PHE A 168 8.89 9.30 14.95
C PHE A 168 9.81 8.27 15.57
N LEU A 169 10.04 7.17 14.84
CA LEU A 169 10.97 6.12 15.25
C LEU A 169 10.80 5.70 16.70
N GLY A 170 9.57 5.56 17.16
CA GLY A 170 9.37 5.13 18.53
C GLY A 170 9.70 6.17 19.58
N GLY A 171 9.91 7.42 19.18
CA GLY A 171 10.09 8.51 20.11
C GLY A 171 9.39 9.76 19.63
N VAL A 172 9.96 10.92 19.90
CA VAL A 172 9.43 12.20 19.44
C VAL A 172 10.59 12.98 18.87
N LEU A 173 10.44 13.45 17.64
CA LEU A 173 11.46 14.25 16.97
C LEU A 173 10.98 15.70 17.01
N GLU A 174 11.85 16.61 17.44
CA GLU A 174 11.48 18.01 17.55
C GLU A 174 12.41 18.85 16.68
N ILE A 175 11.85 19.84 15.99
CA ILE A 175 12.62 20.83 15.26
C ILE A 175 12.07 22.21 15.60
N GLY A 176 12.96 23.19 15.66
CA GLY A 176 12.54 24.55 15.96
C GLY A 176 13.40 25.56 15.23
N THR A 177 12.84 26.74 15.03
CA THR A 177 13.58 27.78 14.32
C THR A 177 13.15 29.15 14.83
N THR A 178 14.00 30.14 14.57
CA THR A 178 13.72 31.52 14.92
C THR A 178 12.75 32.17 13.97
N GLU A 179 12.76 31.76 12.69
CA GLU A 179 11.79 32.28 11.74
C GLU A 179 10.38 31.89 12.14
N HIS A 180 9.41 32.49 11.53
CA HIS A 180 8.03 32.11 11.76
C HIS A 180 7.71 31.27 10.55
N ILE A 181 7.25 30.07 10.81
CA ILE A 181 6.91 29.18 9.73
C ILE A 181 5.44 28.84 9.81
N LYS A 182 4.82 28.83 8.64
CA LYS A 182 3.42 28.49 8.49
C LYS A 182 3.36 27.01 8.66
N GLU A 183 2.25 26.51 9.19
CA GLU A 183 2.12 25.12 9.52
C GLU A 183 1.95 24.23 8.32
N ASP A 184 3.05 23.98 7.67
CA ASP A 184 3.11 23.16 6.49
C ASP A 184 3.68 21.81 6.88
N MET A 185 2.85 20.78 6.74
CA MET A 185 3.22 19.45 7.12
C MET A 185 4.18 18.85 6.16
N ASN A 186 4.43 19.54 5.08
CA ASN A 186 5.36 19.08 4.11
C ASN A 186 6.74 19.09 4.71
N VAL A 187 6.97 19.96 5.68
CA VAL A 187 8.29 20.00 6.30
C VAL A 187 8.47 18.78 7.21
N ILE A 188 7.42 18.33 7.89
CA ILE A 188 7.55 17.12 8.68
C ILE A 188 7.77 15.91 7.77
N GLN A 189 6.98 15.79 6.70
CA GLN A 189 7.14 14.67 5.78
C GLN A 189 8.47 14.73 5.06
N SER A 190 9.08 15.93 4.94
CA SER A 190 10.41 15.97 4.35
C SER A 190 11.44 15.44 5.33
N VAL A 191 11.39 15.92 6.58
CA VAL A 191 12.43 15.56 7.53
C VAL A 191 12.51 14.06 7.71
N LYS A 192 11.39 13.35 7.58
CA LYS A 192 11.47 11.91 7.72
C LYS A 192 11.96 11.25 6.45
N THR A 193 11.68 11.82 5.28
CA THR A 193 12.29 11.32 4.05
C THR A 193 13.79 11.55 4.05
N LEU A 194 14.23 12.80 4.28
CA LEU A 194 15.67 13.02 4.36
C LEU A 194 16.31 12.20 5.48
N PHE A 195 15.54 11.90 6.52
CA PHE A 195 16.06 11.15 7.65
C PHE A 195 16.49 9.75 7.25
N LEU A 196 15.65 9.04 6.51
CA LEU A 196 15.98 7.67 6.17
C LEU A 196 16.66 7.56 4.81
N GLU A 197 16.40 8.50 3.90
CA GLU A 197 17.10 8.57 2.62
C GLU A 197 18.49 9.21 2.76
N ASN B 7 6.96 35.50 43.89
CA ASN B 7 6.29 36.33 42.89
C ASN B 7 6.77 35.97 41.52
N PHE B 8 7.72 35.05 41.43
CA PHE B 8 8.26 34.62 40.17
C PHE B 8 7.34 33.58 39.58
N THR B 9 7.35 33.46 38.26
CA THR B 9 6.56 32.46 37.63
C THR B 9 7.26 31.19 37.97
N GLU B 10 6.52 30.10 38.07
CA GLU B 10 7.14 28.83 38.39
C GLU B 10 8.06 28.48 37.26
N GLN B 11 7.70 28.92 36.08
CA GLN B 11 8.52 28.69 34.92
C GLN B 11 9.85 29.35 35.12
N GLU B 12 9.84 30.51 35.74
CA GLU B 12 11.05 31.22 36.01
C GLU B 12 11.83 30.41 37.00
N GLU B 13 11.12 29.86 37.97
CA GLU B 13 11.73 29.05 39.03
C GLU B 13 12.38 27.77 38.49
N ASP B 14 11.70 27.11 37.57
CA ASP B 14 12.22 25.88 36.98
C ASP B 14 13.50 26.19 36.22
N LEU B 15 13.47 27.31 35.50
CA LEU B 15 14.61 27.76 34.72
C LEU B 15 15.80 28.10 35.61
N ILE B 16 15.53 28.72 36.76
CA ILE B 16 16.60 29.11 37.66
C ILE B 16 17.23 27.88 38.32
N ILE B 17 16.41 26.93 38.75
CA ILE B 17 16.94 25.69 39.30
C ILE B 17 17.79 24.95 38.28
N ARG B 18 17.29 24.88 37.05
CA ARG B 18 17.98 24.16 35.98
C ARG B 18 19.36 24.71 35.62
N LEU B 19 19.50 26.03 35.58
CA LEU B 19 20.79 26.63 35.25
C LEU B 19 21.72 26.72 36.44
N HIS B 20 21.19 26.76 37.65
CA HIS B 20 22.11 26.82 38.79
C HIS B 20 22.64 25.46 39.15
N LYS B 21 21.89 24.39 38.88
CA LYS B 21 22.43 23.06 39.06
C LYS B 21 23.54 22.76 38.07
N LEU B 22 23.67 23.54 37.00
CA LEU B 22 24.70 23.31 36.01
C LEU B 22 25.83 24.32 36.11
N LEU B 23 25.53 25.56 36.46
CA LEU B 23 26.55 26.59 36.47
C LEU B 23 26.91 27.12 37.85
N GLY B 24 26.23 26.69 38.90
CA GLY B 24 26.55 27.25 40.19
C GLY B 24 26.07 28.69 40.29
N ASN B 25 26.90 29.54 40.86
CA ASN B 25 26.53 30.92 41.20
C ASN B 25 27.04 31.95 40.18
N ARG B 26 26.78 31.73 38.90
CA ARG B 26 27.15 32.74 37.94
C ARG B 26 25.82 33.29 37.54
N TRP B 27 25.40 34.37 38.18
CA TRP B 27 24.08 34.94 37.91
C TRP B 27 24.05 35.79 36.64
N SER B 28 25.19 36.26 36.13
CA SER B 28 25.18 36.91 34.83
C SER B 28 24.72 35.95 33.75
N LEU B 29 25.17 34.70 33.81
CA LEU B 29 24.74 33.71 32.84
C LEU B 29 23.31 33.27 33.11
N ILE B 30 22.97 33.10 34.39
CA ILE B 30 21.63 32.63 34.74
C ILE B 30 20.60 33.71 34.44
N ALA B 31 20.88 34.94 34.87
CA ALA B 31 19.89 36.00 34.69
C ALA B 31 19.64 36.30 33.22
N LYS B 32 20.65 36.16 32.37
CA LYS B 32 20.45 36.48 30.96
C LYS B 32 19.60 35.45 30.26
N ARG B 33 19.48 34.25 30.79
CA ARG B 33 18.56 33.28 30.24
C ARG B 33 17.19 33.42 30.85
N VAL B 34 17.06 34.22 31.90
CA VAL B 34 15.77 34.58 32.45
C VAL B 34 15.53 36.05 32.09
N PRO B 35 14.94 36.33 30.94
CA PRO B 35 14.67 37.73 30.59
C PRO B 35 13.65 38.35 31.55
N GLY B 36 13.86 39.63 31.85
CA GLY B 36 13.03 40.38 32.76
C GLY B 36 13.62 40.58 34.13
N ARG B 37 14.66 39.81 34.48
CA ARG B 37 15.22 39.86 35.82
C ARG B 37 16.71 40.20 35.74
N THR B 38 17.18 40.99 36.71
CA THR B 38 18.60 41.31 36.73
C THR B 38 19.41 40.19 37.36
N ASP B 39 20.73 40.37 37.28
CA ASP B 39 21.64 39.44 37.93
C ASP B 39 21.37 39.35 39.42
N ASN B 40 20.92 40.43 40.04
CA ASN B 40 20.79 40.46 41.48
C ASN B 40 19.44 39.98 41.99
N GLN B 41 18.35 40.20 41.24
CA GLN B 41 17.05 39.73 41.73
C GLN B 41 16.89 38.23 41.65
N VAL B 42 17.58 37.56 40.71
CA VAL B 42 17.57 36.10 40.71
C VAL B 42 18.42 35.56 41.85
N LYS B 43 19.56 36.21 42.12
CA LYS B 43 20.46 35.71 43.14
C LYS B 43 19.79 35.80 44.50
N ASN B 44 19.16 36.95 44.78
CA ASN B 44 18.44 37.10 46.03
C ASN B 44 17.25 36.16 46.09
N TYR B 45 16.57 35.97 44.96
CA TYR B 45 15.39 35.11 44.95
C TYR B 45 15.75 33.68 45.32
N TRP B 46 16.81 33.15 44.69
CA TRP B 46 17.22 31.78 44.96
C TRP B 46 17.60 31.62 46.43
N ASN B 47 18.39 32.56 46.98
CA ASN B 47 18.84 32.45 48.36
C ASN B 47 17.67 32.39 49.33
N THR B 48 16.60 33.15 49.05
CA THR B 48 15.44 33.13 49.93
C THR B 48 14.54 31.94 49.63
N HIS B 49 13.97 31.91 48.43
CA HIS B 49 12.88 30.99 48.13
C HIS B 49 13.34 29.67 47.53
N LEU B 50 14.41 29.65 46.76
CA LEU B 50 14.76 28.47 45.99
C LEU B 50 15.90 27.64 46.58
N SER B 51 16.62 28.17 47.56
CA SER B 51 17.72 27.40 48.15
C SER B 51 17.22 26.53 49.31
N ASN C 5 -10.19 0.64 32.36
CA ASN C 5 -9.86 1.96 31.82
C ASN C 5 -9.64 1.92 30.31
N LEU C 6 -8.68 1.11 29.84
CA LEU C 6 -8.34 1.15 28.43
C LEU C 6 -9.19 0.20 27.61
N LYS C 7 -9.71 -0.86 28.21
CA LYS C 7 -10.77 -1.64 27.58
C LYS C 7 -12.03 -0.80 27.44
N LYS C 8 -12.29 0.04 28.44
CA LYS C 8 -13.48 0.88 28.42
C LYS C 8 -13.40 1.89 27.28
N GLN C 9 -12.31 2.65 27.21
CA GLN C 9 -12.22 3.64 26.14
C GLN C 9 -12.05 2.98 24.79
N LEU C 10 -11.41 1.80 24.73
CA LEU C 10 -11.43 1.03 23.49
C LEU C 10 -12.86 0.65 23.14
N ALA C 11 -13.62 0.17 24.13
CA ALA C 11 -15.00 -0.20 23.88
C ALA C 11 -15.82 0.99 23.37
N VAL C 12 -15.78 2.11 24.08
CA VAL C 12 -16.64 3.21 23.65
C VAL C 12 -16.21 3.74 22.29
N SER C 13 -14.90 3.80 22.04
CA SER C 13 -14.45 4.40 20.80
C SER C 13 -14.80 3.50 19.62
N VAL C 14 -14.53 2.21 19.74
CA VAL C 14 -14.81 1.32 18.63
C VAL C 14 -16.30 1.17 18.43
N ARG C 15 -17.07 1.21 19.52
CA ARG C 15 -18.52 1.04 19.41
C ARG C 15 -19.17 2.20 18.66
N ASN C 16 -18.74 3.43 18.92
CA ASN C 16 -19.37 4.57 18.27
C ASN C 16 -18.96 4.73 16.82
N ILE C 17 -17.71 4.42 16.46
CA ILE C 17 -17.41 4.42 15.04
C ILE C 17 -17.99 3.18 14.37
N GLN C 18 -18.38 2.17 15.15
CA GLN C 18 -19.01 0.94 14.65
C GLN C 18 -18.12 0.26 13.61
N TRP C 19 -16.89 -0.01 14.03
CA TRP C 19 -16.00 -0.87 13.28
C TRP C 19 -15.96 -2.23 13.97
N SER C 20 -15.35 -3.19 13.29
CA SER C 20 -15.49 -4.58 13.74
C SER C 20 -14.66 -4.85 14.97
N TYR C 21 -13.47 -4.31 15.05
CA TYR C 21 -12.63 -4.58 16.21
C TYR C 21 -11.71 -3.40 16.43
N GLY C 22 -11.14 -3.36 17.63
CA GLY C 22 -10.09 -2.41 17.94
C GLY C 22 -9.00 -3.10 18.73
N ILE C 23 -7.74 -2.87 18.40
CA ILE C 23 -6.62 -3.47 19.12
C ILE C 23 -5.63 -2.37 19.46
N PHE C 24 -5.07 -2.44 20.67
CA PHE C 24 -4.00 -1.55 21.07
C PHE C 24 -2.73 -2.36 21.27
N TRP C 25 -1.71 -2.04 20.47
CA TRP C 25 -0.40 -2.68 20.56
C TRP C 25 0.51 -1.83 21.42
N SER C 26 0.95 -2.39 22.54
CA SER C 26 1.82 -1.69 23.46
C SER C 26 3.25 -2.16 23.27
N VAL C 27 4.21 -1.26 23.46
CA VAL C 27 5.60 -1.68 23.34
C VAL C 27 5.95 -2.60 24.50
N SER C 28 6.74 -3.63 24.21
CA SER C 28 7.09 -4.59 25.23
C SER C 28 8.00 -3.95 26.27
N ALA C 29 7.75 -4.26 27.55
CA ALA C 29 8.60 -3.75 28.62
C ALA C 29 9.95 -4.43 28.62
N SER C 30 10.00 -5.69 28.22
CA SER C 30 11.25 -6.46 28.11
C SER C 30 11.98 -6.15 26.82
N GLN C 31 11.40 -6.61 25.71
CA GLN C 31 12.01 -6.49 24.41
C GLN C 31 11.84 -5.04 23.92
N PRO C 32 12.92 -4.33 23.70
CA PRO C 32 12.80 -2.93 23.27
C PRO C 32 12.39 -2.83 21.80
N GLY C 33 11.47 -1.90 21.53
CA GLY C 33 11.10 -1.66 20.16
C GLY C 33 10.18 -2.68 19.52
N VAL C 34 9.68 -3.63 20.27
CA VAL C 34 8.72 -4.60 19.74
C VAL C 34 7.36 -4.30 20.34
N LEU C 35 6.33 -4.31 19.51
CA LEU C 35 4.96 -4.13 19.98
C LEU C 35 4.31 -5.50 20.15
N GLU C 36 3.39 -5.56 21.11
CA GLU C 36 2.73 -6.80 21.46
C GLU C 36 1.29 -6.48 21.80
N TRP C 37 0.44 -7.49 21.72
CA TRP C 37 -0.97 -7.28 21.98
C TRP C 37 -1.16 -6.71 23.38
N GLY C 38 -1.53 -5.43 23.45
CA GLY C 38 -1.74 -4.76 24.71
C GLY C 38 -3.12 -5.00 25.24
N ASP C 39 -4.12 -4.51 24.54
CA ASP C 39 -5.50 -4.88 24.86
C ASP C 39 -6.34 -4.67 23.62
N GLY C 40 -7.59 -5.09 23.70
CA GLY C 40 -8.43 -4.99 22.53
C GLY C 40 -9.88 -4.94 22.94
N TYR C 41 -10.72 -4.66 21.95
CA TYR C 41 -12.15 -4.81 22.11
C TYR C 41 -12.68 -5.27 20.76
N TYR C 42 -13.47 -6.34 20.77
CA TYR C 42 -14.02 -6.88 19.54
C TYR C 42 -15.50 -6.55 19.47
N ASN C 43 -15.95 -6.17 18.27
CA ASN C 43 -17.30 -5.65 18.05
C ASN C 43 -17.78 -6.10 16.68
N GLY C 44 -17.77 -7.41 16.47
CA GLY C 44 -18.23 -8.01 15.24
C GLY C 44 -19.48 -8.83 15.48
N ASP C 45 -19.58 -9.96 14.77
CA ASP C 45 -20.70 -10.87 14.93
C ASP C 45 -20.28 -12.00 15.88
N ILE C 46 -21.23 -12.52 16.63
CA ILE C 46 -20.98 -13.59 17.60
C ILE C 46 -22.12 -14.58 17.51
N LYS C 47 -21.85 -15.85 17.78
CA LYS C 47 -22.89 -16.87 17.83
C LYS C 47 -23.14 -17.25 19.28
N THR C 48 -24.25 -16.77 19.83
CA THR C 48 -24.63 -17.01 21.21
C THR C 48 -25.95 -17.76 21.28
N ARG C 49 -26.24 -18.32 22.45
CA ARG C 49 -27.46 -19.10 22.61
C ARG C 49 -28.62 -18.26 23.14
N LYS C 50 -28.34 -17.31 24.03
CA LYS C 50 -29.37 -16.52 24.70
C LYS C 50 -29.33 -15.08 24.22
N THR C 51 -30.48 -14.56 23.81
CA THR C 51 -30.60 -13.20 23.28
C THR C 51 -31.63 -12.39 24.04
N ILE C 52 -31.70 -12.57 25.35
CA ILE C 52 -32.56 -11.76 26.21
C ILE C 52 -31.76 -11.33 27.42
N GLN C 53 -31.96 -10.08 27.84
CA GLN C 53 -31.30 -9.59 29.05
C GLN C 53 -32.20 -9.78 30.27
N ALA C 54 -33.48 -9.44 30.14
CA ALA C 54 -34.45 -9.61 31.21
C ALA C 54 -33.98 -8.95 32.52
N LEU C 62 -19.88 -0.95 27.96
CA LEU C 62 -20.63 -2.20 27.89
C LEU C 62 -20.38 -2.95 26.58
N GLY C 63 -20.91 -4.17 26.49
CA GLY C 63 -20.51 -5.08 25.44
C GLY C 63 -19.12 -5.65 25.61
N LEU C 64 -18.52 -5.51 26.80
CA LEU C 64 -17.15 -5.94 27.00
C LEU C 64 -17.03 -7.40 27.39
N GLU C 65 -18.13 -8.09 27.65
CA GLU C 65 -18.03 -9.41 28.23
C GLU C 65 -17.40 -10.41 27.27
N ARG C 66 -17.81 -10.38 25.99
CA ARG C 66 -17.22 -11.32 25.03
C ARG C 66 -15.76 -11.02 24.77
N SER C 67 -15.40 -9.73 24.64
CA SER C 67 -14.00 -9.37 24.42
C SER C 67 -13.11 -9.96 25.51
N GLU C 68 -13.65 -10.13 26.72
CA GLU C 68 -12.93 -10.78 27.80
C GLU C 68 -12.98 -12.29 27.70
N GLN C 69 -14.01 -12.83 27.05
CA GLN C 69 -14.07 -14.27 26.90
C GLN C 69 -13.20 -14.75 25.76
N LEU C 70 -12.96 -13.90 24.76
CA LEU C 70 -12.02 -14.26 23.72
C LEU C 70 -10.59 -14.19 24.21
N ARG C 71 -10.30 -13.32 25.20
CA ARG C 71 -8.96 -13.36 25.74
C ARG C 71 -8.82 -14.46 26.78
N GLU C 72 -9.89 -14.73 27.52
CA GLU C 72 -9.88 -15.88 28.41
C GLU C 72 -9.65 -17.16 27.62
N LEU C 73 -10.32 -17.29 26.47
CA LEU C 73 -10.14 -18.48 25.64
C LEU C 73 -8.74 -18.55 25.07
N TYR C 74 -8.19 -17.42 24.65
CA TYR C 74 -6.85 -17.42 24.06
C TYR C 74 -5.80 -17.93 25.04
N GLU C 75 -5.87 -17.47 26.30
CA GLU C 75 -4.86 -17.93 27.23
C GLU C 75 -5.16 -19.31 27.77
N SER C 76 -6.41 -19.77 27.63
CA SER C 76 -6.72 -21.14 27.99
C SER C 76 -6.14 -22.09 26.94
N LEU C 77 -6.16 -21.69 25.67
CA LEU C 77 -5.55 -22.53 24.66
C LEU C 77 -4.04 -22.41 24.64
N SER C 78 -3.50 -21.23 24.96
CA SER C 78 -2.05 -21.08 24.89
C SER C 78 -1.37 -21.74 26.07
N LEU C 79 -2.05 -21.83 27.23
CA LEU C 79 -1.51 -22.55 28.38
C LEU C 79 -1.78 -24.04 28.31
N ALA C 80 -1.99 -24.59 27.12
CA ALA C 80 -2.15 -26.02 26.96
C ALA C 80 -0.93 -26.68 26.35
N GLU C 81 -0.11 -25.91 25.65
CA GLU C 81 1.15 -26.40 25.12
C GLU C 81 2.29 -25.53 25.63
N ALA C 98 -15.15 -21.15 28.86
CA ALA C 98 -16.51 -20.68 28.63
C ALA C 98 -16.90 -20.86 27.17
N LEU C 99 -16.22 -20.11 26.31
CA LEU C 99 -16.27 -20.35 24.87
C LEU C 99 -15.30 -21.46 24.48
N SER C 100 -15.54 -22.03 23.30
CA SER C 100 -14.70 -23.08 22.79
C SER C 100 -14.57 -22.86 21.27
N PRO C 101 -13.45 -23.27 20.70
CA PRO C 101 -13.17 -22.91 19.28
C PRO C 101 -14.33 -23.05 18.30
N GLU C 102 -15.24 -23.99 18.47
CA GLU C 102 -16.29 -24.16 17.46
C GLU C 102 -17.39 -23.11 17.55
N ASP C 103 -17.34 -22.15 18.48
CA ASP C 103 -18.35 -21.11 18.58
C ASP C 103 -17.92 -19.78 17.96
N LEU C 104 -16.73 -19.71 17.38
CA LEU C 104 -16.20 -18.45 16.88
C LEU C 104 -16.59 -18.22 15.42
N THR C 105 -16.98 -16.98 15.10
CA THR C 105 -17.22 -16.60 13.73
C THR C 105 -15.88 -16.34 13.05
N ASP C 106 -15.93 -15.95 11.77
CA ASP C 106 -14.69 -15.72 11.04
C ASP C 106 -13.91 -14.57 11.64
N THR C 107 -14.59 -13.52 12.09
CA THR C 107 -13.90 -12.36 12.64
C THR C 107 -13.42 -12.56 14.07
N GLU C 108 -14.06 -13.42 14.87
CA GLU C 108 -13.51 -13.71 16.20
C GLU C 108 -12.26 -14.54 16.09
N TRP C 109 -12.16 -15.36 15.05
CA TRP C 109 -10.90 -16.05 14.81
C TRP C 109 -9.81 -15.06 14.45
N TYR C 110 -10.11 -14.10 13.58
CA TYR C 110 -9.14 -13.05 13.30
C TYR C 110 -8.76 -12.31 14.57
N TYR C 111 -9.74 -11.94 15.39
CA TYR C 111 -9.44 -11.16 16.57
C TYR C 111 -8.62 -11.99 17.57
N LEU C 112 -8.88 -13.29 17.64
CA LEU C 112 -8.16 -14.12 18.59
C LEU C 112 -6.74 -14.42 18.14
N VAL C 113 -6.55 -14.73 16.87
CA VAL C 113 -5.22 -15.06 16.40
C VAL C 113 -4.30 -13.83 16.47
N CYS C 114 -4.85 -12.62 16.37
CA CYS C 114 -3.94 -11.47 16.46
C CYS C 114 -3.30 -11.30 17.82
N MET C 115 -3.86 -11.90 18.88
CA MET C 115 -3.18 -11.74 20.16
C MET C 115 -1.83 -12.46 20.19
N SER C 116 -1.62 -13.44 19.33
CA SER C 116 -0.35 -14.13 19.23
C SER C 116 0.71 -13.36 18.46
N PHE C 117 0.39 -12.15 18.01
CA PHE C 117 1.26 -11.42 17.09
C PHE C 117 2.19 -10.47 17.85
N VAL C 118 3.41 -10.33 17.33
CA VAL C 118 4.42 -9.42 17.86
C VAL C 118 5.17 -8.81 16.68
N PHE C 119 5.37 -7.49 16.71
CA PHE C 119 5.94 -6.73 15.60
C PHE C 119 7.17 -5.95 16.05
N ASN C 120 8.29 -6.14 15.37
CA ASN C 120 9.43 -5.27 15.59
C ASN C 120 9.12 -3.88 15.05
N ILE C 121 10.05 -2.96 15.29
CA ILE C 121 9.94 -1.63 14.69
C ILE C 121 9.96 -1.79 13.18
N GLY C 122 8.95 -1.23 12.52
CA GLY C 122 8.92 -1.23 11.08
C GLY C 122 8.27 -2.44 10.44
N GLU C 123 8.09 -3.53 11.18
CA GLU C 123 7.47 -4.74 10.66
C GLU C 123 5.96 -4.68 10.82
N GLY C 124 5.24 -5.22 9.85
CA GLY C 124 3.79 -5.14 9.88
C GLY C 124 3.32 -3.71 9.69
N ILE C 125 2.01 -3.51 9.81
CA ILE C 125 1.50 -2.15 9.82
C ILE C 125 1.54 -1.56 11.23
N PRO C 126 1.42 -2.34 12.33
CA PRO C 126 1.61 -1.69 13.64
C PRO C 126 3.04 -1.23 13.84
N GLY C 127 4.00 -2.06 13.47
CA GLY C 127 5.38 -1.62 13.53
C GLY C 127 5.68 -0.51 12.56
N GLY C 128 4.98 -0.49 11.43
CA GLY C 128 5.17 0.60 10.47
C GLY C 128 4.60 1.92 10.94
N ALA C 129 3.45 1.89 11.60
CA ALA C 129 2.87 3.12 12.14
C ALA C 129 3.71 3.65 13.30
N LEU C 130 4.23 2.76 14.12
CA LEU C 130 5.08 3.20 15.21
C LEU C 130 6.39 3.76 14.68
N SER C 131 6.92 3.15 13.62
CA SER C 131 8.20 3.59 13.07
C SER C 131 8.09 4.92 12.33
N ASN C 132 7.03 5.10 11.55
CA ASN C 132 6.87 6.34 10.80
C ASN C 132 6.17 7.42 11.58
N GLY C 133 5.45 7.06 12.65
CA GLY C 133 4.72 8.07 13.38
C GLY C 133 3.60 8.70 12.59
N GLU C 134 3.05 7.98 11.61
CA GLU C 134 1.92 8.41 10.81
C GLU C 134 0.97 7.24 10.69
N PRO C 135 -0.32 7.48 10.56
CA PRO C 135 -1.27 6.39 10.35
C PRO C 135 -1.00 5.65 9.05
N ILE C 136 -1.45 4.40 9.03
CA ILE C 136 -1.38 3.54 7.85
C ILE C 136 -2.82 3.08 7.58
N TRP C 137 -3.48 3.74 6.64
CA TRP C 137 -4.80 3.32 6.20
C TRP C 137 -4.63 2.29 5.09
N LEU C 138 -5.26 1.14 5.23
CA LEU C 138 -5.02 0.02 4.33
C LEU C 138 -6.36 -0.48 3.78
N CYS C 139 -6.54 -0.35 2.47
CA CYS C 139 -7.72 -0.82 1.77
C CYS C 139 -7.48 -2.16 1.07
N ASN C 140 -8.58 -2.88 0.85
CA ASN C 140 -8.54 -4.28 0.44
C ASN C 140 -7.44 -5.01 1.21
N ALA C 141 -7.62 -5.14 2.53
CA ALA C 141 -6.63 -5.82 3.35
C ALA C 141 -6.61 -7.31 3.06
N GLU C 142 -7.75 -7.88 2.69
CA GLU C 142 -7.83 -9.31 2.42
C GLU C 142 -6.94 -9.72 1.25
N THR C 143 -6.54 -8.76 0.41
CA THR C 143 -5.69 -9.01 -0.75
C THR C 143 -4.42 -8.17 -0.71
N ALA C 144 -4.10 -7.58 0.44
CA ALA C 144 -2.87 -6.83 0.57
C ALA C 144 -1.67 -7.77 0.43
N ASP C 145 -0.52 -7.19 0.13
CA ASP C 145 0.66 -7.98 -0.15
C ASP C 145 1.37 -8.30 1.13
N SER C 146 1.95 -9.50 1.20
CA SER C 146 2.62 -9.94 2.41
C SER C 146 3.65 -8.92 2.84
N LYS C 147 4.24 -8.22 1.88
CA LYS C 147 5.24 -7.20 2.16
C LYS C 147 4.65 -6.04 2.95
N VAL C 148 3.33 -5.88 2.95
CA VAL C 148 2.68 -4.71 3.50
C VAL C 148 1.86 -5.04 4.74
N PHE C 149 1.21 -6.20 4.75
CA PHE C 149 0.25 -6.57 5.80
C PHE C 149 0.48 -8.04 6.11
N THR C 150 1.15 -8.31 7.24
CA THR C 150 1.48 -9.67 7.64
C THR C 150 0.26 -10.56 7.83
N ARG C 151 -0.92 -10.00 8.08
CA ARG C 151 -2.08 -10.80 8.42
C ARG C 151 -3.14 -10.74 7.30
N SER C 152 -2.71 -10.59 6.05
CA SER C 152 -3.67 -10.48 4.95
C SER C 152 -4.46 -11.77 4.77
N LEU C 153 -3.78 -12.90 4.79
CA LEU C 153 -4.49 -14.17 4.59
C LEU C 153 -5.45 -14.43 5.75
N LEU C 154 -5.07 -14.03 6.96
CA LEU C 154 -5.97 -14.13 8.10
C LEU C 154 -7.15 -13.19 7.95
N ALA C 155 -6.93 -12.02 7.34
CA ALA C 155 -8.02 -11.08 7.15
C ALA C 155 -9.03 -11.59 6.15
N LYS C 156 -8.55 -12.21 5.06
CA LYS C 156 -9.47 -12.74 4.07
C LYS C 156 -10.23 -13.93 4.62
N SER C 157 -9.61 -14.68 5.53
CA SER C 157 -10.34 -15.68 6.28
C SER C 157 -11.57 -15.09 6.97
N ALA C 158 -11.54 -13.80 7.29
CA ALA C 158 -12.66 -13.12 7.92
C ALA C 158 -13.22 -11.96 7.09
N SER C 159 -12.73 -11.77 5.87
CA SER C 159 -13.19 -10.75 4.92
C SER C 159 -13.30 -9.35 5.55
N LEU C 160 -12.19 -8.89 6.12
CA LEU C 160 -12.05 -7.50 6.52
C LEU C 160 -11.29 -6.78 5.43
N GLN C 161 -11.84 -5.67 4.96
CA GLN C 161 -11.20 -4.97 3.86
C GLN C 161 -10.39 -3.76 4.27
N THR C 162 -10.74 -3.11 5.37
CA THR C 162 -10.05 -1.91 5.78
C THR C 162 -9.52 -2.11 7.19
N VAL C 163 -8.22 -1.89 7.33
CA VAL C 163 -7.53 -1.94 8.61
C VAL C 163 -6.62 -0.72 8.66
N VAL C 164 -6.68 0.03 9.76
CA VAL C 164 -5.86 1.23 9.89
C VAL C 164 -5.20 1.21 11.28
N CYS C 165 -3.90 1.50 11.31
CA CYS C 165 -3.17 1.71 12.56
C CYS C 165 -2.59 3.10 12.58
N PHE C 166 -2.39 3.64 13.79
CA PHE C 166 -1.84 4.97 13.93
C PHE C 166 -1.23 5.07 15.31
N PRO C 167 -0.17 5.85 15.48
CA PRO C 167 0.45 5.94 16.81
C PRO C 167 -0.45 6.67 17.79
N PHE C 168 -0.40 6.23 19.03
CA PHE C 168 -1.35 6.70 20.03
C PHE C 168 -0.92 6.17 21.38
N LEU C 169 -1.00 7.02 22.40
CA LEU C 169 -0.66 6.63 23.76
C LEU C 169 0.68 5.91 23.85
N GLY C 170 1.66 6.38 23.09
CA GLY C 170 2.97 5.78 23.18
C GLY C 170 3.07 4.39 22.62
N GLY C 171 2.05 3.96 21.89
CA GLY C 171 2.02 2.69 21.22
C GLY C 171 1.33 2.86 19.90
N VAL C 172 0.56 1.85 19.50
CA VAL C 172 -0.20 1.88 18.26
C VAL C 172 -1.61 1.39 18.52
N LEU C 173 -2.59 2.14 18.04
CA LEU C 173 -3.97 1.72 18.08
C LEU C 173 -4.37 1.26 16.69
N GLU C 174 -5.02 0.12 16.61
CA GLU C 174 -5.48 -0.43 15.35
C GLU C 174 -6.99 -0.62 15.38
N ILE C 175 -7.64 -0.29 14.27
CA ILE C 175 -9.07 -0.52 14.06
C ILE C 175 -9.25 -1.16 12.69
N GLY C 176 -10.27 -2.01 12.59
CA GLY C 176 -10.55 -2.68 11.33
C GLY C 176 -12.03 -2.94 11.19
N THR C 177 -12.48 -3.08 9.95
CA THR C 177 -13.89 -3.33 9.67
C THR C 177 -14.03 -4.14 8.40
N THR C 178 -15.20 -4.79 8.26
CA THR C 178 -15.50 -5.58 7.06
C THR C 178 -15.95 -4.71 5.91
N GLU C 179 -16.68 -3.64 6.19
CA GLU C 179 -17.02 -2.68 5.14
C GLU C 179 -15.78 -1.96 4.65
N HIS C 180 -15.89 -1.38 3.47
CA HIS C 180 -14.84 -0.52 2.92
C HIS C 180 -15.10 0.93 3.29
N ILE C 181 -14.14 1.54 3.96
CA ILE C 181 -14.15 2.96 4.31
C ILE C 181 -13.00 3.63 3.57
N LYS C 182 -13.27 4.72 2.87
CA LYS C 182 -12.19 5.39 2.18
C LYS C 182 -11.46 6.25 3.15
N GLU C 183 -10.18 6.50 2.93
CA GLU C 183 -9.39 7.20 3.88
C GLU C 183 -10.01 8.48 4.32
N ASP C 184 -10.31 8.53 5.60
CA ASP C 184 -10.89 9.66 6.22
C ASP C 184 -10.14 9.85 7.48
N MET C 185 -9.35 10.90 7.54
CA MET C 185 -8.55 11.12 8.69
C MET C 185 -9.38 11.53 9.86
N ASN C 186 -10.61 11.87 9.64
CA ASN C 186 -11.50 12.23 10.71
C ASN C 186 -11.91 11.09 11.59
N VAL C 187 -11.99 9.90 11.05
CA VAL C 187 -12.32 8.72 11.83
C VAL C 187 -11.25 8.48 12.88
N ILE C 188 -10.00 8.78 12.54
CA ILE C 188 -8.91 8.70 13.50
C ILE C 188 -9.09 9.75 14.60
N GLN C 189 -9.38 10.99 14.22
CA GLN C 189 -9.54 12.04 15.24
C GLN C 189 -10.75 11.79 16.11
N SER C 190 -11.76 11.07 15.59
CA SER C 190 -12.91 10.72 16.41
C SER C 190 -12.53 9.70 17.46
N VAL C 191 -11.76 8.68 17.08
CA VAL C 191 -11.39 7.64 18.03
C VAL C 191 -10.55 8.21 19.16
N LYS C 192 -9.72 9.21 18.88
CA LYS C 192 -8.92 9.74 19.98
C LYS C 192 -9.70 10.71 20.87
N THR C 193 -10.65 11.47 20.31
CA THR C 193 -11.52 12.24 21.20
C THR C 193 -12.38 11.31 22.04
N LEU C 194 -13.09 10.37 21.39
CA LEU C 194 -13.90 9.39 22.12
C LEU C 194 -13.07 8.62 23.11
N PHE C 195 -11.77 8.44 22.81
CA PHE C 195 -10.92 7.73 23.73
C PHE C 195 -10.76 8.53 25.01
N LEU C 196 -10.55 9.83 24.89
CA LEU C 196 -10.35 10.74 26.00
C LEU C 196 -11.65 11.39 26.47
N GLU C 197 -12.80 10.87 26.03
CA GLU C 197 -14.15 11.26 26.47
C GLU C 197 -14.55 12.68 26.11
N ALA C 198 -13.75 13.40 25.33
CA ALA C 198 -14.10 14.75 24.93
C ALA C 198 -15.19 14.74 23.86
N GLY D 6 8.99 -26.65 0.40
CA GLY D 6 7.80 -25.96 0.87
C GLY D 6 6.90 -25.41 -0.22
N ASN D 7 5.75 -26.05 -0.40
CA ASN D 7 4.81 -25.64 -1.45
C ASN D 7 4.00 -24.41 -1.05
N PHE D 8 3.78 -24.19 0.24
CA PHE D 8 2.85 -23.15 0.69
C PHE D 8 3.52 -21.78 0.76
N THR D 9 2.68 -20.74 0.69
CA THR D 9 3.16 -19.40 0.99
C THR D 9 3.72 -19.38 2.39
N GLU D 10 4.69 -18.51 2.63
CA GLU D 10 5.15 -18.40 4.00
C GLU D 10 4.10 -17.71 4.87
N GLN D 11 3.18 -16.96 4.26
CA GLN D 11 1.99 -16.53 5.00
C GLN D 11 1.13 -17.71 5.40
N GLU D 12 1.00 -18.71 4.52
CA GLU D 12 0.22 -19.90 4.85
C GLU D 12 0.90 -20.75 5.90
N GLU D 13 2.23 -20.89 5.81
CA GLU D 13 2.95 -21.64 6.83
C GLU D 13 2.95 -20.91 8.15
N ASP D 14 3.10 -19.58 8.12
CA ASP D 14 3.00 -18.79 9.34
C ASP D 14 1.67 -19.00 10.04
N LEU D 15 0.57 -18.98 9.29
CA LEU D 15 -0.75 -19.09 9.91
C LEU D 15 -0.96 -20.48 10.50
N ILE D 16 -0.46 -21.51 9.84
CA ILE D 16 -0.60 -22.88 10.34
C ILE D 16 0.20 -23.06 11.62
N ILE D 17 1.41 -22.52 11.68
CA ILE D 17 2.17 -22.59 12.92
C ILE D 17 1.41 -21.93 14.06
N ARG D 18 0.83 -20.76 13.81
CA ARG D 18 0.14 -20.03 14.86
C ARG D 18 -1.07 -20.80 15.36
N LEU D 19 -1.87 -21.36 14.45
CA LEU D 19 -3.09 -22.04 14.88
C LEU D 19 -2.79 -23.41 15.48
N HIS D 20 -1.67 -24.03 15.12
CA HIS D 20 -1.36 -25.32 15.72
C HIS D 20 -0.72 -25.17 17.08
N LYS D 21 -0.05 -24.04 17.34
CA LYS D 21 0.42 -23.74 18.69
C LYS D 21 -0.71 -23.47 19.66
N LEU D 22 -1.92 -23.22 19.17
CA LEU D 22 -3.07 -23.00 20.04
C LEU D 22 -4.09 -24.12 20.00
N LEU D 23 -4.28 -24.78 18.85
CA LEU D 23 -5.37 -25.74 18.71
C LEU D 23 -4.90 -27.18 18.62
N GLY D 24 -3.60 -27.43 18.58
CA GLY D 24 -3.19 -28.81 18.46
C GLY D 24 -3.56 -29.35 17.09
N ASN D 25 -4.05 -30.59 17.08
CA ASN D 25 -4.33 -31.29 15.83
C ASN D 25 -5.82 -31.26 15.48
N ARG D 26 -6.43 -30.08 15.52
CA ARG D 26 -7.82 -29.94 15.09
C ARG D 26 -7.82 -29.29 13.71
N TRP D 27 -7.58 -30.11 12.70
CA TRP D 27 -7.38 -29.58 11.35
C TRP D 27 -8.66 -29.03 10.75
N SER D 28 -9.83 -29.43 11.27
CA SER D 28 -11.06 -28.82 10.81
C SER D 28 -11.06 -27.32 11.06
N LEU D 29 -10.60 -26.90 12.24
CA LEU D 29 -10.54 -25.47 12.55
C LEU D 29 -9.38 -24.79 11.85
N ILE D 30 -8.22 -25.46 11.78
CA ILE D 30 -7.06 -24.81 11.20
C ILE D 30 -7.27 -24.58 9.71
N ALA D 31 -7.78 -25.59 9.01
CA ALA D 31 -8.00 -25.47 7.57
C ALA D 31 -9.03 -24.39 7.25
N LYS D 32 -9.98 -24.17 8.15
CA LYS D 32 -11.01 -23.18 7.88
C LYS D 32 -10.47 -21.76 8.00
N ARG D 33 -9.35 -21.60 8.67
CA ARG D 33 -8.69 -20.29 8.82
C ARG D 33 -7.66 -20.05 7.72
N VAL D 34 -7.34 -21.10 6.99
CA VAL D 34 -6.48 -21.01 5.81
C VAL D 34 -7.33 -21.30 4.58
N PRO D 35 -7.92 -20.28 3.96
CA PRO D 35 -8.74 -20.52 2.77
C PRO D 35 -7.89 -21.05 1.63
N GLY D 36 -8.46 -21.98 0.88
CA GLY D 36 -7.77 -22.63 -0.21
C GLY D 36 -7.25 -24.01 0.11
N ARG D 37 -7.20 -24.38 1.39
CA ARG D 37 -6.69 -25.65 1.83
C ARG D 37 -7.79 -26.33 2.59
N THR D 38 -7.97 -27.63 2.34
CA THR D 38 -8.90 -28.45 3.09
C THR D 38 -8.23 -29.02 4.34
N ASP D 39 -9.04 -29.70 5.15
CA ASP D 39 -8.56 -30.32 6.38
C ASP D 39 -7.41 -31.27 6.13
N ASN D 40 -7.39 -31.94 4.99
CA ASN D 40 -6.37 -32.97 4.81
C ASN D 40 -5.09 -32.43 4.19
N GLN D 41 -5.17 -31.38 3.37
CA GLN D 41 -3.94 -30.86 2.80
C GLN D 41 -3.10 -30.12 3.84
N VAL D 42 -3.75 -29.55 4.86
CA VAL D 42 -3.02 -28.93 5.96
C VAL D 42 -2.37 -29.98 6.83
N LYS D 43 -3.09 -31.09 7.06
CA LYS D 43 -2.59 -32.13 7.94
C LYS D 43 -1.32 -32.76 7.38
N ASN D 44 -1.33 -33.09 6.08
CA ASN D 44 -0.16 -33.70 5.46
C ASN D 44 0.99 -32.71 5.39
N TYR D 45 0.70 -31.46 5.07
CA TYR D 45 1.76 -30.45 4.99
C TYR D 45 2.40 -30.28 6.36
N TRP D 46 1.59 -30.31 7.41
CA TRP D 46 2.11 -30.17 8.76
C TRP D 46 3.11 -31.27 9.08
N ASN D 47 2.72 -32.53 8.87
CA ASN D 47 3.59 -33.64 9.24
C ASN D 47 4.85 -33.67 8.40
N THR D 48 4.75 -33.25 7.14
CA THR D 48 5.88 -33.32 6.24
C THR D 48 6.87 -32.18 6.50
N HIS D 49 6.41 -30.94 6.36
CA HIS D 49 7.32 -29.80 6.31
C HIS D 49 7.46 -29.05 7.64
N LEU D 50 6.48 -29.16 8.55
CA LEU D 50 6.47 -28.29 9.71
C LEU D 50 6.31 -29.04 11.04
N SER D 51 6.50 -30.36 11.07
CA SER D 51 6.38 -31.09 12.31
C SER D 51 7.73 -31.29 12.99
N GLN E 9 -17.31 -53.52 -16.51
CA GLN E 9 -16.21 -53.95 -17.37
C GLN E 9 -15.01 -53.02 -17.20
N LEU E 10 -15.12 -51.82 -17.77
CA LEU E 10 -14.05 -50.84 -17.62
C LEU E 10 -13.91 -50.33 -16.20
N ALA E 11 -14.85 -50.66 -15.30
CA ALA E 11 -14.65 -50.40 -13.89
C ALA E 11 -13.51 -51.26 -13.34
N VAL E 12 -13.41 -52.51 -13.80
CA VAL E 12 -12.27 -53.35 -13.46
C VAL E 12 -11.00 -52.83 -14.14
N SER E 13 -11.15 -52.17 -15.28
CA SER E 13 -10.01 -51.48 -15.88
C SER E 13 -9.50 -50.38 -14.96
N VAL E 14 -10.39 -49.74 -14.20
CA VAL E 14 -9.97 -48.69 -13.28
C VAL E 14 -9.31 -49.27 -12.05
N ARG E 15 -9.90 -50.33 -11.48
CA ARG E 15 -9.34 -50.91 -10.26
C ARG E 15 -7.93 -51.45 -10.49
N ASN E 16 -7.61 -51.84 -11.73
CA ASN E 16 -6.32 -52.46 -12.02
C ASN E 16 -5.25 -51.47 -12.46
N ILE E 17 -5.61 -50.29 -12.98
CA ILE E 17 -4.58 -49.30 -13.31
C ILE E 17 -4.12 -48.56 -12.08
N GLN E 18 -4.80 -48.74 -10.94
CA GLN E 18 -4.41 -48.21 -9.63
C GLN E 18 -4.50 -46.69 -9.60
N TRP E 19 -5.66 -46.17 -9.98
CA TRP E 19 -5.98 -44.75 -9.82
C TRP E 19 -7.18 -44.61 -8.89
N SER E 20 -7.62 -43.36 -8.75
CA SER E 20 -8.69 -43.07 -7.81
C SER E 20 -10.06 -43.31 -8.40
N TYR E 21 -10.29 -42.91 -9.66
CA TYR E 21 -11.62 -42.99 -10.23
C TYR E 21 -11.58 -43.13 -11.74
N GLY E 22 -12.75 -43.41 -12.31
CA GLY E 22 -12.92 -43.50 -13.74
C GLY E 22 -14.34 -43.13 -14.12
N ILE E 23 -14.53 -42.43 -15.23
CA ILE E 23 -15.85 -41.99 -15.68
C ILE E 23 -15.95 -42.19 -17.18
N PHE E 24 -17.14 -42.57 -17.67
CA PHE E 24 -17.41 -42.64 -19.10
C PHE E 24 -18.72 -41.95 -19.41
N TRP E 25 -18.77 -41.24 -20.54
CA TRP E 25 -19.94 -40.46 -20.95
C TRP E 25 -20.51 -40.95 -22.27
N SER E 26 -21.83 -41.14 -22.29
CA SER E 26 -22.59 -41.46 -23.50
C SER E 26 -22.47 -40.35 -24.54
N GLU E 36 -23.89 -35.91 -20.71
CA GLU E 36 -24.46 -37.14 -20.18
C GLU E 36 -23.71 -37.62 -18.94
N TRP E 37 -24.01 -38.85 -18.51
CA TRP E 37 -23.28 -39.52 -17.43
C TRP E 37 -23.57 -41.01 -17.61
N GLY E 38 -22.67 -41.71 -18.27
CA GLY E 38 -22.84 -43.14 -18.47
C GLY E 38 -22.81 -43.87 -17.14
N ASP E 39 -21.61 -44.00 -16.58
CA ASP E 39 -21.40 -44.58 -15.26
C ASP E 39 -19.92 -44.43 -14.92
N GLY E 40 -19.63 -44.49 -13.63
CA GLY E 40 -18.27 -44.38 -13.15
C GLY E 40 -18.00 -45.38 -12.03
N TYR E 41 -16.76 -45.39 -11.58
CA TYR E 41 -16.34 -46.25 -10.49
C TYR E 41 -15.27 -45.54 -9.67
N TYR E 42 -15.39 -45.62 -8.34
CA TYR E 42 -14.42 -45.01 -7.44
C TYR E 42 -13.47 -46.08 -6.91
N LEU E 64 -18.04 -52.95 -7.35
CA LEU E 64 -18.86 -51.75 -7.47
C LEU E 64 -19.89 -51.66 -6.36
N GLU E 65 -19.42 -51.38 -5.15
CA GLU E 65 -20.29 -51.23 -3.98
C GLU E 65 -20.49 -49.77 -3.62
N ARG E 66 -19.40 -49.07 -3.27
CA ARG E 66 -19.51 -47.64 -2.96
C ARG E 66 -19.92 -46.84 -4.19
N SER E 67 -19.48 -47.25 -5.38
CA SER E 67 -19.86 -46.53 -6.59
C SER E 67 -21.37 -46.58 -6.83
N GLU E 68 -22.01 -47.67 -6.44
CA GLU E 68 -23.47 -47.75 -6.56
C GLU E 68 -24.15 -47.04 -5.40
N GLN E 69 -23.53 -47.00 -4.22
CA GLN E 69 -24.11 -46.27 -3.09
C GLN E 69 -24.04 -44.76 -3.31
N LEU E 70 -22.99 -44.28 -3.97
CA LEU E 70 -22.93 -42.87 -4.34
C LEU E 70 -24.00 -42.53 -5.37
N ARG E 71 -24.27 -43.44 -6.31
CA ARG E 71 -25.35 -43.23 -7.27
C ARG E 71 -26.70 -43.23 -6.59
N GLU E 72 -26.86 -44.00 -5.52
CA GLU E 72 -28.12 -44.02 -4.78
C GLU E 72 -28.30 -42.74 -3.98
N LEU E 73 -27.24 -42.28 -3.32
CA LEU E 73 -27.34 -41.06 -2.52
C LEU E 73 -27.47 -39.82 -3.39
N TYR E 74 -26.76 -39.80 -4.52
CA TYR E 74 -26.85 -38.66 -5.44
C TYR E 74 -28.28 -38.46 -5.93
N GLU E 75 -28.93 -39.55 -6.35
CA GLU E 75 -30.33 -39.44 -6.75
C GLU E 75 -31.24 -39.17 -5.57
N SER E 76 -30.76 -39.37 -4.34
CA SER E 76 -31.55 -39.02 -3.16
C SER E 76 -31.38 -37.54 -2.81
N LEU E 77 -30.16 -37.00 -2.98
CA LEU E 77 -29.94 -35.58 -2.76
C LEU E 77 -30.54 -34.71 -3.85
N SER E 78 -30.92 -35.29 -4.99
CA SER E 78 -31.57 -34.56 -6.06
C SER E 78 -33.07 -34.41 -5.86
N LEU E 79 -33.64 -35.06 -4.85
CA LEU E 79 -35.08 -34.98 -4.56
C LEU E 79 -35.93 -35.38 -5.76
N ASP E 103 -18.12 -37.87 6.74
CA ASP E 103 -18.53 -39.18 6.24
C ASP E 103 -17.81 -39.54 4.95
N LEU E 104 -17.63 -38.55 4.09
CA LEU E 104 -16.95 -38.75 2.81
C LEU E 104 -15.59 -38.06 2.80
N THR E 105 -14.82 -38.29 1.73
CA THR E 105 -13.51 -37.69 1.60
C THR E 105 -13.53 -36.59 0.53
N ASP E 106 -12.38 -35.99 0.30
CA ASP E 106 -12.24 -34.95 -0.70
C ASP E 106 -12.37 -35.41 -2.14
N THR E 107 -11.77 -36.55 -2.46
CA THR E 107 -11.85 -37.11 -3.81
C THR E 107 -13.23 -37.67 -4.11
N GLU E 108 -13.90 -38.24 -3.10
CA GLU E 108 -15.23 -38.80 -3.33
C GLU E 108 -16.25 -37.73 -3.68
N TRP E 109 -16.06 -36.52 -3.16
CA TRP E 109 -16.92 -35.40 -3.52
C TRP E 109 -16.66 -34.92 -4.95
N TYR E 110 -15.39 -34.87 -5.34
CA TYR E 110 -15.06 -34.70 -6.76
C TYR E 110 -15.92 -35.63 -7.60
N TYR E 111 -15.93 -36.90 -7.23
CA TYR E 111 -16.62 -37.93 -8.00
C TYR E 111 -18.13 -37.67 -8.05
N LEU E 112 -18.75 -37.60 -6.88
CA LEU E 112 -20.22 -37.60 -6.84
C LEU E 112 -20.79 -36.36 -7.51
N VAL E 113 -20.11 -35.22 -7.43
CA VAL E 113 -20.62 -34.03 -8.09
C VAL E 113 -20.44 -34.12 -9.61
N CYS E 114 -19.45 -34.87 -10.07
CA CYS E 114 -19.24 -35.02 -11.51
C CYS E 114 -20.43 -35.68 -12.20
N MET E 115 -21.26 -36.41 -11.45
CA MET E 115 -22.43 -37.06 -12.06
C MET E 115 -23.43 -36.03 -12.57
N SER E 116 -23.40 -34.82 -12.03
CA SER E 116 -24.30 -33.75 -12.44
C SER E 116 -23.80 -33.01 -13.67
N PHE E 117 -22.76 -33.50 -14.32
CA PHE E 117 -22.14 -32.78 -15.43
C PHE E 117 -22.64 -33.32 -16.75
N VAL E 118 -22.97 -32.40 -17.64
CA VAL E 118 -23.34 -32.70 -19.01
C VAL E 118 -22.51 -31.79 -19.93
N PHE E 119 -22.00 -32.36 -21.01
CA PHE E 119 -21.07 -31.68 -21.91
C PHE E 119 -21.63 -31.69 -23.33
N ASN E 120 -21.66 -30.52 -23.96
CA ASN E 120 -22.06 -30.40 -25.35
C ASN E 120 -20.86 -30.74 -26.25
N ILE E 121 -20.99 -30.46 -27.54
CA ILE E 121 -19.94 -30.75 -28.50
C ILE E 121 -18.77 -29.81 -28.25
N GLY E 122 -17.58 -30.38 -28.03
CA GLY E 122 -16.39 -29.61 -27.86
C GLY E 122 -16.21 -28.91 -26.52
N GLU E 123 -17.22 -28.89 -25.66
CA GLU E 123 -17.13 -28.20 -24.39
C GLU E 123 -16.52 -29.08 -23.31
N GLY E 124 -15.70 -28.49 -22.46
CA GLY E 124 -14.99 -29.25 -21.46
C GLY E 124 -14.00 -30.20 -22.10
N ILE E 125 -13.45 -31.09 -21.29
CA ILE E 125 -12.47 -32.04 -21.86
C ILE E 125 -13.14 -33.37 -22.34
N PRO E 126 -14.36 -33.79 -21.84
CA PRO E 126 -15.06 -34.96 -22.46
C PRO E 126 -15.62 -34.57 -23.83
N GLY E 127 -16.29 -33.41 -23.97
CA GLY E 127 -16.73 -33.02 -25.30
C GLY E 127 -15.58 -32.62 -26.20
N GLY E 128 -14.47 -32.17 -25.62
CA GLY E 128 -13.32 -31.84 -26.43
C GLY E 128 -12.64 -33.07 -27.00
N ALA E 129 -12.55 -34.14 -26.20
CA ALA E 129 -11.97 -35.39 -26.69
C ALA E 129 -12.89 -36.07 -27.70
N LEU E 130 -14.21 -35.97 -27.51
CA LEU E 130 -15.12 -36.55 -28.47
C LEU E 130 -15.18 -35.75 -29.77
N SER E 131 -14.97 -34.44 -29.71
CA SER E 131 -15.11 -33.62 -30.91
C SER E 131 -13.90 -33.71 -31.81
N ASN E 132 -12.70 -33.90 -31.25
CA ASN E 132 -11.50 -34.01 -32.07
C ASN E 132 -11.00 -35.45 -32.21
N GLY E 133 -11.58 -36.39 -31.46
CA GLY E 133 -11.32 -37.79 -31.71
C GLY E 133 -9.91 -38.26 -31.42
N GLU E 134 -9.33 -37.80 -30.32
CA GLU E 134 -8.03 -38.27 -29.86
C GLU E 134 -7.86 -37.81 -28.42
N PRO E 135 -7.01 -38.51 -27.65
CA PRO E 135 -6.92 -38.22 -26.22
C PRO E 135 -6.55 -36.78 -25.94
N ILE E 136 -7.07 -36.27 -24.83
CA ILE E 136 -6.74 -34.93 -24.33
C ILE E 136 -6.19 -35.12 -22.93
N TRP E 137 -4.88 -35.28 -22.83
CA TRP E 137 -4.21 -35.58 -21.56
C TRP E 137 -3.84 -34.27 -20.87
N LEU E 138 -4.42 -34.04 -19.69
CA LEU E 138 -4.21 -32.81 -18.93
C LEU E 138 -3.54 -33.15 -17.60
N CYS E 139 -2.45 -32.45 -17.30
CA CYS E 139 -1.53 -32.86 -16.24
C CYS E 139 -1.42 -31.90 -15.06
N ASN E 140 -1.92 -30.68 -15.15
CA ASN E 140 -1.98 -29.79 -14.00
C ASN E 140 -3.45 -29.60 -13.64
N ALA E 141 -4.02 -30.65 -13.02
CA ALA E 141 -5.46 -30.70 -12.82
C ALA E 141 -5.94 -29.59 -11.90
N GLU E 142 -5.17 -29.25 -10.87
CA GLU E 142 -5.57 -28.24 -9.91
C GLU E 142 -5.45 -26.81 -10.45
N THR E 143 -5.07 -26.61 -11.72
CA THR E 143 -4.77 -25.25 -12.16
C THR E 143 -4.94 -25.03 -13.66
N ALA E 144 -5.98 -25.60 -14.24
CA ALA E 144 -6.24 -25.46 -15.67
C ALA E 144 -7.53 -24.68 -15.91
N ASP E 145 -7.79 -24.36 -17.18
CA ASP E 145 -8.99 -23.61 -17.55
C ASP E 145 -9.40 -23.93 -18.99
N PHE E 149 -10.73 -26.88 -19.18
CA PHE E 149 -11.00 -27.73 -18.03
C PHE E 149 -12.02 -27.07 -17.11
N THR E 150 -13.25 -27.59 -17.13
CA THR E 150 -14.34 -26.96 -16.42
C THR E 150 -14.29 -27.17 -14.91
N ARG E 151 -13.55 -28.16 -14.41
CA ARG E 151 -13.55 -28.42 -12.98
C ARG E 151 -12.15 -28.40 -12.40
N SER E 152 -11.44 -27.29 -12.57
CA SER E 152 -10.13 -27.10 -11.98
C SER E 152 -10.19 -26.57 -10.55
N LEU E 153 -11.17 -25.72 -10.25
CA LEU E 153 -11.41 -25.37 -8.85
C LEU E 153 -11.97 -26.58 -8.10
N LEU E 154 -12.84 -27.31 -8.78
CA LEU E 154 -13.36 -28.54 -8.20
C LEU E 154 -12.18 -29.50 -8.05
N ALA E 155 -11.14 -29.33 -8.88
CA ALA E 155 -9.96 -30.18 -8.81
C ALA E 155 -9.10 -29.84 -7.60
N LYS E 156 -8.87 -28.55 -7.34
CA LYS E 156 -8.06 -28.17 -6.20
C LYS E 156 -8.64 -28.69 -4.89
N SER E 157 -9.97 -28.81 -4.81
CA SER E 157 -10.61 -29.26 -3.58
C SER E 157 -10.33 -30.73 -3.28
N ALA E 158 -9.94 -31.52 -4.27
CA ALA E 158 -9.79 -32.97 -4.09
C ALA E 158 -8.36 -33.45 -4.34
N SER E 159 -7.42 -32.54 -4.54
CA SER E 159 -5.98 -32.83 -4.62
C SER E 159 -5.64 -33.81 -5.74
N LEU E 160 -6.27 -33.64 -6.90
CA LEU E 160 -5.96 -34.43 -8.07
C LEU E 160 -4.97 -33.69 -8.96
N GLN E 161 -4.02 -34.42 -9.52
CA GLN E 161 -3.01 -33.83 -10.37
C GLN E 161 -3.05 -34.31 -11.81
N THR E 162 -3.67 -35.46 -12.09
CA THR E 162 -3.71 -36.02 -13.44
C THR E 162 -5.15 -36.38 -13.79
N VAL E 163 -5.61 -35.92 -14.95
CA VAL E 163 -6.94 -36.24 -15.42
C VAL E 163 -6.82 -36.51 -16.89
N VAL E 164 -7.38 -37.61 -17.39
CA VAL E 164 -7.27 -37.89 -18.81
C VAL E 164 -8.58 -38.38 -19.40
N CYS E 165 -8.77 -38.05 -20.66
CA CYS E 165 -9.95 -38.43 -21.39
C CYS E 165 -9.49 -38.88 -22.74
N PHE E 166 -10.31 -39.68 -23.41
CA PHE E 166 -9.97 -40.22 -24.72
C PHE E 166 -11.19 -40.91 -25.30
N PRO E 167 -11.40 -40.84 -26.63
CA PRO E 167 -12.54 -41.46 -27.29
C PRO E 167 -12.58 -42.98 -27.09
N GLY E 171 -18.45 -43.11 -27.18
CA GLY E 171 -18.27 -42.07 -26.16
C GLY E 171 -16.83 -41.73 -25.82
N VAL E 172 -16.64 -41.24 -24.60
CA VAL E 172 -15.32 -40.86 -24.09
C VAL E 172 -15.23 -41.30 -22.64
N LEU E 173 -14.06 -41.83 -22.25
CA LEU E 173 -13.84 -42.38 -20.93
C LEU E 173 -12.76 -41.58 -20.21
N GLU E 174 -13.03 -41.21 -18.97
CA GLU E 174 -12.10 -40.44 -18.15
C GLU E 174 -11.52 -41.31 -17.04
N ILE E 175 -10.24 -41.09 -16.75
CA ILE E 175 -9.62 -41.62 -15.54
C ILE E 175 -8.80 -40.51 -14.90
N GLY E 176 -8.76 -40.50 -13.57
CA GLY E 176 -8.04 -39.48 -12.85
C GLY E 176 -7.33 -40.07 -11.66
N THR E 177 -6.33 -39.33 -11.18
CA THR E 177 -5.49 -39.82 -10.09
C THR E 177 -4.99 -38.64 -9.28
N THR E 178 -4.58 -38.93 -8.04
CA THR E 178 -3.87 -37.96 -7.22
C THR E 178 -2.36 -38.00 -7.45
N GLU E 179 -1.85 -39.11 -7.98
CA GLU E 179 -0.48 -39.19 -8.45
C GLU E 179 -0.27 -38.19 -9.58
N HIS E 180 1.00 -37.99 -9.95
CA HIS E 180 1.32 -37.35 -11.22
C HIS E 180 2.01 -38.34 -12.12
N ILE E 181 1.41 -38.56 -13.28
CA ILE E 181 1.86 -39.50 -14.28
C ILE E 181 1.91 -38.85 -15.64
N LYS E 182 2.91 -39.22 -16.43
CA LYS E 182 3.14 -38.68 -17.76
C LYS E 182 2.18 -39.16 -18.83
N GLU E 183 2.06 -38.42 -19.91
CA GLU E 183 1.13 -38.84 -20.93
C GLU E 183 1.81 -39.83 -21.75
N ASP E 184 1.53 -41.09 -21.50
CA ASP E 184 2.08 -42.17 -22.30
C ASP E 184 0.83 -42.81 -22.85
N MET E 185 0.71 -42.87 -24.16
CA MET E 185 -0.46 -43.46 -24.71
C MET E 185 -0.63 -44.83 -24.09
N ASN E 186 0.38 -45.37 -23.43
CA ASN E 186 0.23 -46.75 -22.96
C ASN E 186 -0.89 -47.12 -22.01
N VAL E 187 -1.22 -46.27 -21.05
CA VAL E 187 -2.33 -46.59 -20.16
C VAL E 187 -3.62 -46.65 -20.94
N ILE E 188 -3.81 -45.74 -21.88
CA ILE E 188 -4.97 -45.73 -22.75
C ILE E 188 -4.99 -46.94 -23.64
N GLN E 189 -3.82 -47.32 -24.10
CA GLN E 189 -3.69 -48.44 -24.99
C GLN E 189 -4.18 -49.67 -24.29
N SER E 190 -3.91 -49.77 -23.00
CA SER E 190 -4.37 -50.93 -22.29
C SER E 190 -5.86 -50.96 -22.23
N VAL E 191 -6.43 -49.82 -21.88
CA VAL E 191 -7.88 -49.80 -21.75
C VAL E 191 -8.58 -50.03 -23.05
N LYS E 192 -8.05 -49.46 -24.12
CA LYS E 192 -8.70 -49.61 -25.42
C LYS E 192 -8.65 -51.06 -25.93
N PHE F 8 -16.16 -14.99 -7.62
CA PHE F 8 -16.40 -14.10 -8.76
C PHE F 8 -16.26 -14.83 -10.08
N THR F 9 -15.33 -15.78 -10.13
CA THR F 9 -15.04 -16.50 -11.36
C THR F 9 -16.24 -17.32 -11.82
N GLU F 10 -16.33 -17.52 -13.14
CA GLU F 10 -17.39 -18.35 -13.69
C GLU F 10 -17.31 -19.79 -13.20
N GLN F 11 -16.09 -20.27 -12.92
CA GLN F 11 -15.91 -21.64 -12.44
C GLN F 11 -16.26 -21.77 -10.96
N GLU F 12 -15.93 -20.76 -10.14
CA GLU F 12 -16.23 -20.83 -8.71
C GLU F 12 -17.73 -20.74 -8.46
N GLU F 13 -18.41 -19.83 -9.14
CA GLU F 13 -19.85 -19.69 -8.94
C GLU F 13 -20.62 -20.85 -9.57
N ASP F 14 -20.18 -21.33 -10.75
CA ASP F 14 -20.80 -22.51 -11.33
C ASP F 14 -20.75 -23.67 -10.34
N LEU F 15 -19.62 -23.83 -9.64
CA LEU F 15 -19.54 -24.92 -8.69
C LEU F 15 -20.49 -24.69 -7.53
N ILE F 16 -20.60 -23.44 -7.05
CA ILE F 16 -21.44 -23.15 -5.90
C ILE F 16 -22.91 -23.46 -6.21
N ILE F 17 -23.35 -23.15 -7.42
CA ILE F 17 -24.68 -23.57 -7.86
C ILE F 17 -24.79 -25.08 -7.79
N ARG F 18 -23.74 -25.78 -8.25
CA ARG F 18 -23.79 -27.23 -8.27
C ARG F 18 -23.88 -27.81 -6.86
N LEU F 19 -23.00 -27.37 -5.97
CA LEU F 19 -23.00 -28.02 -4.65
C LEU F 19 -24.21 -27.63 -3.82
N HIS F 20 -24.83 -26.49 -4.10
CA HIS F 20 -26.01 -26.09 -3.33
C HIS F 20 -27.29 -26.75 -3.85
N LYS F 21 -27.33 -27.14 -5.13
CA LYS F 21 -28.44 -27.94 -5.62
C LYS F 21 -28.45 -29.35 -5.06
N LEU F 22 -27.36 -29.80 -4.45
CA LEU F 22 -27.27 -31.12 -3.83
C LEU F 22 -27.24 -31.11 -2.31
N LEU F 23 -26.66 -30.07 -1.69
CA LEU F 23 -26.51 -30.03 -0.25
C LEU F 23 -27.38 -28.98 0.41
N GLY F 24 -28.12 -28.17 -0.36
CA GLY F 24 -28.95 -27.14 0.24
C GLY F 24 -28.09 -26.06 0.87
N ASN F 25 -28.52 -25.60 2.03
CA ASN F 25 -27.86 -24.51 2.76
C ASN F 25 -26.94 -25.06 3.84
N ARG F 26 -26.11 -26.03 3.47
CA ARG F 26 -25.13 -26.58 4.38
C ARG F 26 -23.76 -25.98 4.05
N TRP F 27 -23.56 -24.75 4.53
CA TRP F 27 -22.32 -24.05 4.21
C TRP F 27 -21.13 -24.68 4.92
N SER F 28 -21.39 -25.51 5.93
CA SER F 28 -20.31 -26.28 6.55
C SER F 28 -19.63 -27.18 5.53
N LEU F 29 -20.43 -27.85 4.69
CA LEU F 29 -19.86 -28.69 3.64
C LEU F 29 -19.44 -27.90 2.41
N ILE F 30 -20.25 -26.92 1.99
CA ILE F 30 -19.99 -26.25 0.70
C ILE F 30 -18.69 -25.46 0.72
N ALA F 31 -18.47 -24.69 1.78
CA ALA F 31 -17.27 -23.84 1.82
C ALA F 31 -16.00 -24.68 1.84
N LYS F 32 -16.05 -25.87 2.43
CA LYS F 32 -14.86 -26.70 2.48
C LYS F 32 -14.54 -27.29 1.12
N ARG F 33 -15.54 -27.34 0.25
CA ARG F 33 -15.36 -27.88 -1.08
C ARG F 33 -15.05 -26.80 -2.11
N VAL F 34 -15.33 -25.54 -1.78
CA VAL F 34 -15.00 -24.41 -2.64
C VAL F 34 -13.84 -23.70 -1.97
N PRO F 35 -12.59 -24.05 -2.28
CA PRO F 35 -11.46 -23.37 -1.64
C PRO F 35 -11.40 -21.90 -2.06
N GLY F 36 -11.05 -21.04 -1.11
CA GLY F 36 -10.99 -19.61 -1.34
C GLY F 36 -12.15 -18.81 -0.79
N ARG F 37 -13.24 -19.47 -0.40
CA ARG F 37 -14.44 -18.80 0.10
C ARG F 37 -14.78 -19.31 1.49
N THR F 38 -15.18 -18.39 2.37
CA THR F 38 -15.66 -18.69 3.72
C THR F 38 -17.15 -19.08 3.72
N ASP F 39 -17.62 -19.53 4.90
CA ASP F 39 -19.02 -19.88 5.06
C ASP F 39 -19.95 -18.70 4.79
N ASN F 40 -19.52 -17.48 5.08
CA ASN F 40 -20.41 -16.34 4.91
C ASN F 40 -20.27 -15.70 3.54
N GLN F 41 -19.09 -15.79 2.90
CA GLN F 41 -18.94 -15.26 1.56
C GLN F 41 -19.67 -16.10 0.53
N VAL F 42 -19.89 -17.39 0.81
CA VAL F 42 -20.73 -18.22 -0.04
C VAL F 42 -22.20 -17.85 0.14
N LYS F 43 -22.62 -17.57 1.38
CA LYS F 43 -24.03 -17.29 1.64
C LYS F 43 -24.47 -16.01 0.95
N ASN F 44 -23.64 -14.95 1.02
CA ASN F 44 -23.97 -13.70 0.36
C ASN F 44 -23.91 -13.86 -1.16
N TYR F 45 -22.98 -14.67 -1.66
CA TYR F 45 -22.84 -14.85 -3.10
C TYR F 45 -24.10 -15.45 -3.72
N TRP F 46 -24.73 -16.40 -3.02
CA TRP F 46 -26.01 -16.90 -3.49
C TRP F 46 -27.06 -15.80 -3.35
N ASN F 47 -27.37 -15.44 -2.11
CA ASN F 47 -28.36 -14.41 -1.84
C ASN F 47 -27.77 -13.03 -2.06
N ASN G 5 24.62 -7.97 -15.48
CA ASN G 5 24.33 -8.14 -14.06
C ASN G 5 23.27 -9.22 -13.87
N LEU G 6 22.71 -9.69 -14.98
CA LEU G 6 21.59 -10.64 -14.93
C LEU G 6 22.03 -12.09 -15.03
N LYS G 7 23.23 -12.37 -15.55
CA LYS G 7 23.73 -13.73 -15.49
C LYS G 7 23.79 -14.21 -14.05
N LYS G 8 24.19 -13.32 -13.14
CA LYS G 8 24.25 -13.68 -11.72
C LYS G 8 22.85 -13.88 -11.15
N GLN G 9 21.94 -12.94 -11.44
CA GLN G 9 20.60 -13.05 -10.86
C GLN G 9 19.87 -14.26 -11.42
N LEU G 10 20.14 -14.62 -12.67
CA LEU G 10 19.62 -15.88 -13.20
C LEU G 10 20.20 -17.08 -12.47
N ALA G 11 21.52 -17.08 -12.25
CA ALA G 11 22.18 -18.21 -11.61
C ALA G 11 21.59 -18.49 -10.23
N VAL G 12 21.56 -17.47 -9.36
CA VAL G 12 21.12 -17.65 -7.99
C VAL G 12 19.67 -18.10 -7.92
N SER G 13 18.84 -17.63 -8.85
CA SER G 13 17.41 -17.91 -8.76
C SER G 13 17.12 -19.39 -9.00
N VAL G 14 17.63 -19.95 -10.10
CA VAL G 14 17.33 -21.35 -10.39
C VAL G 14 18.15 -22.29 -9.52
N ARG G 15 19.37 -21.91 -9.17
CA ARG G 15 20.19 -22.80 -8.35
C ARG G 15 19.54 -23.00 -6.99
N ASN G 16 18.91 -21.95 -6.45
CA ASN G 16 18.25 -22.06 -5.15
C ASN G 16 16.93 -22.78 -5.27
N ILE G 17 16.19 -22.53 -6.36
CA ILE G 17 14.97 -23.27 -6.62
C ILE G 17 15.26 -24.69 -7.10
N GLN G 18 16.52 -24.98 -7.42
CA GLN G 18 16.96 -26.29 -7.87
C GLN G 18 16.18 -26.71 -9.11
N TRP G 19 16.18 -25.83 -10.10
CA TRP G 19 15.68 -26.20 -11.41
C TRP G 19 16.84 -26.38 -12.37
N SER G 20 16.55 -27.02 -13.50
CA SER G 20 17.62 -27.45 -14.39
C SER G 20 18.13 -26.30 -15.25
N TYR G 21 17.24 -25.43 -15.71
CA TYR G 21 17.71 -24.30 -16.50
C TYR G 21 16.78 -23.13 -16.27
N GLY G 22 17.30 -21.95 -16.61
CA GLY G 22 16.51 -20.74 -16.68
C GLY G 22 16.93 -19.95 -17.89
N ILE G 23 15.97 -19.45 -18.66
CA ILE G 23 16.25 -18.64 -19.84
C ILE G 23 15.46 -17.35 -19.73
N PHE G 24 16.09 -16.24 -20.04
CA PHE G 24 15.45 -14.94 -20.10
C PHE G 24 15.42 -14.48 -21.55
N TRP G 25 14.21 -14.27 -22.08
CA TRP G 25 14.03 -13.79 -23.45
C TRP G 25 13.82 -12.28 -23.43
N SER G 26 14.72 -11.58 -24.09
CA SER G 26 14.70 -10.13 -24.14
C SER G 26 14.08 -9.68 -25.45
N VAL G 27 13.37 -8.56 -25.39
CA VAL G 27 12.83 -7.97 -26.61
C VAL G 27 14.00 -7.43 -27.43
N SER G 28 13.95 -7.65 -28.74
CA SER G 28 15.03 -7.20 -29.59
C SER G 28 15.06 -5.68 -29.70
N ALA G 29 16.28 -5.14 -29.75
CA ALA G 29 16.44 -3.71 -29.94
C ALA G 29 16.01 -3.29 -31.34
N SER G 30 16.13 -4.17 -32.32
CA SER G 30 15.71 -3.83 -33.67
C SER G 30 14.19 -3.91 -33.81
N GLN G 31 13.65 -5.12 -33.89
CA GLN G 31 12.23 -5.31 -34.11
C GLN G 31 11.48 -5.26 -32.78
N PRO G 32 10.53 -4.35 -32.63
CA PRO G 32 9.73 -4.34 -31.39
C PRO G 32 8.78 -5.52 -31.35
N GLY G 33 8.58 -6.05 -30.14
CA GLY G 33 7.65 -7.14 -29.96
C GLY G 33 8.18 -8.49 -30.35
N VAL G 34 9.46 -8.61 -30.67
CA VAL G 34 10.07 -9.89 -30.97
C VAL G 34 11.01 -10.27 -29.83
N LEU G 35 10.90 -11.49 -29.33
CA LEU G 35 11.79 -11.96 -28.28
C LEU G 35 12.92 -12.84 -28.81
N GLU G 36 14.06 -12.75 -28.13
CA GLU G 36 15.26 -13.44 -28.52
C GLU G 36 16.00 -13.88 -27.27
N TRP G 37 16.90 -14.84 -27.42
CA TRP G 37 17.66 -15.33 -26.28
C TRP G 37 18.49 -14.21 -25.69
N GLY G 38 18.09 -13.70 -24.53
CA GLY G 38 18.79 -12.64 -23.87
C GLY G 38 19.95 -13.16 -23.05
N ASP G 39 19.66 -13.93 -22.00
CA ASP G 39 20.70 -14.64 -21.30
C ASP G 39 20.10 -15.84 -20.58
N GLY G 40 20.97 -16.70 -20.09
CA GLY G 40 20.49 -17.90 -19.44
C GLY G 40 21.54 -18.45 -18.50
N TYR G 41 21.11 -19.44 -17.73
CA TYR G 41 21.99 -20.25 -16.90
C TYR G 41 21.50 -21.69 -16.87
N TYR G 42 22.42 -22.63 -17.02
CA TYR G 42 22.11 -24.06 -17.02
C TYR G 42 22.58 -24.75 -15.74
N ASN G 43 21.76 -25.65 -15.21
CA ASN G 43 21.98 -26.34 -13.94
C ASN G 43 21.37 -27.74 -14.02
N GLY G 44 21.88 -28.56 -14.94
CA GLY G 44 21.39 -29.92 -15.03
C GLY G 44 22.39 -30.96 -14.60
N ASP G 45 22.52 -32.02 -15.40
CA ASP G 45 23.54 -33.04 -15.19
C ASP G 45 24.61 -32.91 -16.27
N ILE G 46 25.83 -33.30 -15.92
CA ILE G 46 26.99 -33.10 -16.76
C ILE G 46 27.67 -34.43 -17.05
N LYS G 47 28.27 -34.53 -18.22
CA LYS G 47 29.04 -35.70 -18.63
C LYS G 47 30.53 -35.39 -18.57
N LEU G 64 29.36 -20.69 -11.90
CA LEU G 64 28.49 -20.83 -13.07
C LEU G 64 29.32 -20.96 -14.34
N GLU G 65 30.44 -21.68 -14.23
CA GLU G 65 31.35 -21.81 -15.37
C GLU G 65 30.70 -22.58 -16.50
N ARG G 66 29.83 -23.54 -16.17
CA ARG G 66 29.30 -24.42 -17.20
C ARG G 66 28.46 -23.65 -18.21
N SER G 67 27.51 -22.85 -17.73
CA SER G 67 26.61 -22.09 -18.59
C SER G 67 27.36 -21.18 -19.55
N GLU G 68 28.56 -20.74 -19.18
CA GLU G 68 29.34 -19.91 -20.08
C GLU G 68 30.03 -20.74 -21.15
N GLN G 69 30.27 -22.03 -20.91
CA GLN G 69 30.91 -22.83 -21.94
C GLN G 69 29.96 -23.32 -23.01
N LEU G 70 28.67 -23.51 -22.68
CA LEU G 70 27.72 -23.87 -23.72
C LEU G 70 27.40 -22.70 -24.63
N ARG G 71 27.54 -21.47 -24.13
CA ARG G 71 27.35 -20.34 -25.03
C ARG G 71 28.59 -20.11 -25.88
N GLU G 72 29.77 -20.37 -25.32
CA GLU G 72 30.99 -20.38 -26.12
C GLU G 72 30.89 -21.44 -27.21
N LEU G 73 30.37 -22.61 -26.85
CA LEU G 73 30.20 -23.68 -27.83
C LEU G 73 29.16 -23.29 -28.88
N TYR G 74 28.07 -22.64 -28.44
CA TYR G 74 27.00 -22.27 -29.37
C TYR G 74 27.49 -21.30 -30.45
N GLU G 75 28.22 -20.27 -30.07
CA GLU G 75 28.63 -19.34 -31.11
C GLU G 75 29.87 -19.80 -31.85
N SER G 76 30.61 -20.77 -31.32
CA SER G 76 31.72 -21.33 -32.07
C SER G 76 31.23 -22.22 -33.20
N LEU G 77 30.15 -22.96 -32.98
CA LEU G 77 29.62 -23.79 -34.05
C LEU G 77 28.85 -22.98 -35.07
N SER G 78 28.29 -21.85 -34.65
CA SER G 78 27.55 -21.03 -35.60
C SER G 78 28.51 -20.33 -36.55
N LEU G 79 29.74 -20.10 -36.10
CA LEU G 79 30.78 -19.58 -37.00
C LEU G 79 31.36 -20.66 -37.88
N ALA G 80 30.65 -21.77 -38.06
CA ALA G 80 31.04 -22.82 -39.00
C ALA G 80 30.12 -22.72 -40.22
N GLU G 81 30.11 -21.51 -40.76
CA GLU G 81 29.30 -21.12 -41.90
C GLU G 81 29.91 -19.84 -42.45
N SER G 82 31.06 -19.97 -43.12
CA SER G 82 31.85 -18.83 -43.56
C SER G 82 31.10 -17.94 -44.54
N ALA G 98 34.74 -23.84 -25.08
CA ALA G 98 35.85 -24.74 -25.37
C ALA G 98 35.45 -26.20 -25.19
N LEU G 99 34.20 -26.51 -25.49
CA LEU G 99 33.64 -27.84 -25.33
C LEU G 99 33.44 -28.51 -26.68
N SER G 100 32.78 -29.66 -26.67
CA SER G 100 32.44 -30.30 -27.91
C SER G 100 31.05 -30.92 -27.82
N PRO G 101 30.32 -30.92 -28.93
CA PRO G 101 28.93 -31.43 -28.92
C PRO G 101 28.74 -32.76 -28.23
N GLU G 102 29.74 -33.65 -28.29
CA GLU G 102 29.59 -35.00 -27.78
C GLU G 102 29.69 -35.10 -26.27
N ASP G 103 29.91 -33.98 -25.57
CA ASP G 103 29.96 -33.98 -24.11
C ASP G 103 28.65 -33.50 -23.52
N LEU G 104 27.67 -33.20 -24.35
CA LEU G 104 26.43 -32.59 -23.92
C LEU G 104 25.40 -33.64 -23.54
N THR G 105 24.71 -33.40 -22.42
CA THR G 105 23.64 -34.30 -22.03
C THR G 105 22.40 -33.99 -22.86
N ASP G 106 21.32 -34.74 -22.60
CA ASP G 106 20.10 -34.48 -23.35
C ASP G 106 19.59 -33.09 -23.04
N THR G 107 19.73 -32.67 -21.79
CA THR G 107 19.24 -31.36 -21.40
C THR G 107 20.18 -30.25 -21.83
N GLU G 108 21.48 -30.54 -21.95
CA GLU G 108 22.40 -29.53 -22.45
C GLU G 108 22.15 -29.24 -23.92
N TRP G 109 21.65 -30.23 -24.67
CA TRP G 109 21.26 -29.99 -26.04
C TRP G 109 20.04 -29.08 -26.13
N TYR G 110 19.03 -29.34 -25.29
CA TYR G 110 17.86 -28.47 -25.27
C TYR G 110 18.25 -27.05 -24.96
N TYR G 111 19.09 -26.86 -23.95
CA TYR G 111 19.46 -25.51 -23.52
C TYR G 111 20.29 -24.81 -24.59
N LEU G 112 21.13 -25.56 -25.31
CA LEU G 112 21.93 -24.94 -26.35
C LEU G 112 21.08 -24.61 -27.57
N VAL G 113 20.18 -25.51 -27.97
CA VAL G 113 19.36 -25.25 -29.15
C VAL G 113 18.41 -24.07 -28.91
N CYS G 114 18.03 -23.79 -27.67
CA CYS G 114 17.16 -22.63 -27.47
C CYS G 114 17.85 -21.32 -27.76
N MET G 115 19.18 -21.28 -27.79
CA MET G 115 19.80 -19.99 -28.06
C MET G 115 19.54 -19.52 -29.49
N SER G 116 19.23 -20.45 -30.40
CA SER G 116 18.87 -20.13 -31.78
C SER G 116 17.41 -19.69 -31.94
N PHE G 117 16.65 -19.60 -30.86
CA PHE G 117 15.21 -19.37 -30.96
C PHE G 117 14.87 -17.89 -30.89
N VAL G 118 13.87 -17.51 -31.69
CA VAL G 118 13.33 -16.16 -31.72
C VAL G 118 11.82 -16.29 -31.89
N PHE G 119 11.05 -15.54 -31.12
CA PHE G 119 9.60 -15.65 -31.11
C PHE G 119 8.97 -14.29 -31.39
N ASN G 120 8.09 -14.25 -32.39
CA ASN G 120 7.25 -13.08 -32.57
C ASN G 120 6.22 -13.06 -31.44
N ILE G 121 5.59 -11.90 -31.25
CA ILE G 121 4.63 -11.79 -30.16
C ILE G 121 3.46 -12.73 -30.41
N GLY G 122 3.18 -13.56 -29.42
CA GLY G 122 2.06 -14.47 -29.43
C GLY G 122 2.39 -15.89 -29.85
N GLU G 123 3.50 -16.08 -30.56
CA GLU G 123 3.89 -17.42 -30.99
C GLU G 123 4.77 -18.06 -29.92
N GLY G 124 4.60 -19.37 -29.74
CA GLY G 124 5.29 -20.08 -28.69
C GLY G 124 4.75 -19.68 -27.33
N ILE G 125 5.38 -20.24 -26.30
CA ILE G 125 5.01 -19.91 -24.92
C ILE G 125 5.74 -18.66 -24.40
N PRO G 126 6.94 -18.27 -24.89
CA PRO G 126 7.45 -16.95 -24.48
C PRO G 126 6.63 -15.81 -25.06
N GLY G 127 6.31 -15.90 -26.35
CA GLY G 127 5.46 -14.90 -26.98
C GLY G 127 4.04 -14.89 -26.45
N GLY G 128 3.53 -16.05 -26.04
CA GLY G 128 2.21 -16.09 -25.44
C GLY G 128 2.18 -15.45 -24.06
N ALA G 129 3.24 -15.66 -23.29
CA ALA G 129 3.34 -15.04 -21.97
C ALA G 129 3.50 -13.53 -22.10
N LEU G 130 4.25 -13.08 -23.10
CA LEU G 130 4.42 -11.64 -23.30
C LEU G 130 3.13 -11.01 -23.81
N SER G 131 2.41 -11.70 -24.68
CA SER G 131 1.18 -11.11 -25.21
C SER G 131 0.06 -11.08 -24.18
N ASN G 132 -0.08 -12.14 -23.39
CA ASN G 132 -1.15 -12.19 -22.40
C ASN G 132 -0.76 -11.54 -21.08
N GLY G 133 0.53 -11.33 -20.83
CA GLY G 133 0.97 -10.74 -19.59
C GLY G 133 0.72 -11.60 -18.37
N GLU G 134 0.62 -12.91 -18.56
CA GLU G 134 0.36 -13.83 -17.48
C GLU G 134 1.27 -15.04 -17.64
N PRO G 135 1.65 -15.69 -16.54
CA PRO G 135 2.50 -16.88 -16.66
C PRO G 135 1.80 -17.99 -17.44
N ILE G 136 2.63 -18.86 -18.01
CA ILE G 136 2.17 -20.05 -18.71
C ILE G 136 2.89 -21.24 -18.08
N TRP G 137 2.22 -21.92 -17.15
CA TRP G 137 2.75 -23.14 -16.54
C TRP G 137 2.40 -24.33 -17.42
N LEU G 138 3.40 -25.08 -17.83
CA LEU G 138 3.25 -26.10 -18.85
C LEU G 138 3.84 -27.41 -18.35
N CYS G 139 2.99 -28.40 -18.14
CA CYS G 139 3.36 -29.75 -17.75
C CYS G 139 3.18 -30.70 -18.93
N ASN G 140 3.93 -31.80 -18.89
CA ASN G 140 3.97 -32.76 -19.98
C ASN G 140 4.49 -32.09 -21.24
N ALA G 141 5.60 -31.39 -21.11
CA ALA G 141 6.13 -30.66 -22.25
C ALA G 141 6.50 -31.60 -23.38
N GLU G 142 6.92 -32.81 -23.06
CA GLU G 142 7.34 -33.74 -24.10
C GLU G 142 6.21 -34.08 -25.06
N THR G 143 4.96 -33.91 -24.65
CA THR G 143 3.82 -34.26 -25.48
C THR G 143 2.88 -33.09 -25.69
N ALA G 144 3.33 -31.88 -25.41
CA ALA G 144 2.53 -30.69 -25.68
C ALA G 144 2.30 -30.56 -27.18
N ASP G 145 1.32 -29.73 -27.54
CA ASP G 145 0.91 -29.61 -28.92
C ASP G 145 1.83 -28.63 -29.62
N SER G 146 2.13 -28.92 -30.89
CA SER G 146 3.08 -28.09 -31.62
C SER G 146 2.70 -26.63 -31.61
N LYS G 147 1.40 -26.32 -31.64
CA LYS G 147 0.97 -24.94 -31.74
C LYS G 147 0.80 -24.26 -30.39
N VAL G 148 0.91 -24.99 -29.27
CA VAL G 148 1.00 -24.36 -27.96
C VAL G 148 2.45 -24.26 -27.49
N PHE G 149 3.30 -25.23 -27.88
CA PHE G 149 4.68 -25.30 -27.38
C PHE G 149 5.59 -25.64 -28.56
N THR G 150 6.32 -24.64 -29.04
CA THR G 150 7.19 -24.79 -30.20
C THR G 150 8.27 -25.84 -30.00
N ARG G 151 8.69 -26.11 -28.76
CA ARG G 151 9.84 -26.98 -28.50
C ARG G 151 9.43 -28.28 -27.80
N SER G 152 8.25 -28.80 -28.09
CA SER G 152 7.83 -30.04 -27.46
C SER G 152 8.73 -31.19 -27.89
N LEU G 153 9.00 -31.29 -29.19
CA LEU G 153 9.88 -32.34 -29.66
C LEU G 153 11.28 -32.15 -29.10
N LEU G 154 11.73 -30.92 -28.99
CA LEU G 154 13.01 -30.67 -28.36
C LEU G 154 12.95 -31.00 -26.87
N ALA G 155 11.79 -30.81 -26.26
CA ALA G 155 11.65 -31.12 -24.85
C ALA G 155 11.72 -32.62 -24.61
N LYS G 156 11.11 -33.42 -25.49
CA LYS G 156 11.18 -34.86 -25.29
C LYS G 156 12.59 -35.38 -25.54
N SER G 157 13.32 -34.73 -26.45
CA SER G 157 14.73 -35.06 -26.65
C SER G 157 15.54 -34.97 -25.37
N ALA G 158 15.10 -34.16 -24.41
CA ALA G 158 15.77 -34.02 -23.12
C ALA G 158 14.89 -34.45 -21.96
N SER G 159 13.72 -35.00 -22.23
CA SER G 159 12.77 -35.45 -21.21
C SER G 159 12.57 -34.39 -20.13
N LEU G 160 12.17 -33.19 -20.56
CA LEU G 160 11.70 -32.17 -19.64
C LEU G 160 10.18 -32.20 -19.62
N GLN G 161 9.62 -32.23 -18.43
CA GLN G 161 8.18 -32.38 -18.27
C GLN G 161 7.46 -31.07 -17.96
N THR G 162 8.11 -30.18 -17.23
CA THR G 162 7.52 -28.92 -16.82
C THR G 162 8.43 -27.76 -17.20
N VAL G 163 7.90 -26.81 -17.96
CA VAL G 163 8.60 -25.57 -18.31
C VAL G 163 7.60 -24.43 -18.18
N VAL G 164 8.02 -23.35 -17.53
CA VAL G 164 7.12 -22.24 -17.21
C VAL G 164 7.74 -20.95 -17.72
N CYS G 165 6.90 -20.11 -18.33
CA CYS G 165 7.24 -18.75 -18.69
C CYS G 165 6.31 -17.77 -18.01
N PHE G 166 6.81 -16.54 -17.80
CA PHE G 166 6.04 -15.47 -17.20
C PHE G 166 6.72 -14.16 -17.54
N PRO G 167 5.96 -13.08 -17.74
CA PRO G 167 6.59 -11.80 -18.08
C PRO G 167 7.31 -11.18 -16.91
N PHE G 168 8.41 -10.49 -17.21
CA PHE G 168 9.28 -9.95 -16.18
C PHE G 168 10.31 -9.00 -16.80
N LEU G 169 10.57 -7.89 -16.13
CA LEU G 169 11.52 -6.90 -16.60
C LEU G 169 11.30 -6.54 -18.06
N GLY G 170 10.05 -6.44 -18.47
CA GLY G 170 9.77 -6.10 -19.85
C GLY G 170 10.10 -7.18 -20.86
N GLY G 171 10.34 -8.41 -20.41
CA GLY G 171 10.56 -9.53 -21.31
C GLY G 171 9.87 -10.75 -20.78
N VAL G 172 10.43 -11.93 -21.00
CA VAL G 172 9.85 -13.17 -20.47
C VAL G 172 10.95 -14.03 -19.89
N LEU G 173 10.75 -14.48 -18.67
CA LEU G 173 11.68 -15.39 -18.01
C LEU G 173 11.09 -16.80 -18.01
N GLU G 174 11.91 -17.76 -18.41
CA GLU G 174 11.47 -19.15 -18.49
C GLU G 174 12.35 -20.06 -17.65
N ILE G 175 11.70 -20.96 -16.90
CA ILE G 175 12.42 -22.00 -16.20
C ILE G 175 11.68 -23.32 -16.42
N GLY G 176 12.46 -24.40 -16.50
CA GLY G 176 11.92 -25.73 -16.71
C GLY G 176 12.82 -26.77 -16.05
N THR G 177 12.26 -27.96 -15.79
CA THR G 177 13.05 -29.03 -15.20
C THR G 177 12.66 -30.39 -15.72
N THR G 178 13.58 -31.32 -15.45
CA THR G 178 13.42 -32.73 -15.77
C THR G 178 12.47 -33.37 -14.79
N GLU G 179 12.52 -32.93 -13.53
CA GLU G 179 11.54 -33.32 -12.55
C GLU G 179 10.19 -32.71 -12.90
N HIS G 180 9.13 -33.30 -12.35
CA HIS G 180 7.81 -32.71 -12.43
C HIS G 180 7.51 -31.87 -11.18
N ILE G 181 7.23 -30.59 -11.41
CA ILE G 181 6.88 -29.65 -10.37
C ILE G 181 5.57 -29.04 -10.86
N LYS G 182 4.54 -29.01 -10.04
CA LYS G 182 3.27 -28.45 -10.49
C LYS G 182 2.70 -27.28 -9.72
N GLU G 183 2.43 -26.19 -10.44
CA GLU G 183 1.81 -24.99 -9.88
C GLU G 183 2.49 -24.35 -8.67
N ASP G 184 3.82 -24.28 -8.65
CA ASP G 184 4.45 -23.65 -7.49
C ASP G 184 4.57 -22.18 -7.77
N MET G 185 3.47 -21.47 -7.58
CA MET G 185 3.47 -20.05 -7.82
C MET G 185 4.48 -19.48 -6.88
N ASN G 186 4.58 -20.02 -5.68
CA ASN G 186 5.57 -19.41 -4.80
C ASN G 186 6.95 -19.39 -5.42
N VAL G 187 7.26 -20.38 -6.26
CA VAL G 187 8.54 -20.35 -6.95
C VAL G 187 8.53 -19.25 -7.98
N ILE G 188 7.38 -18.98 -8.59
CA ILE G 188 7.33 -17.90 -9.57
C ILE G 188 7.71 -16.59 -8.90
N GLN G 189 7.05 -16.26 -7.79
CA GLN G 189 7.44 -15.05 -7.08
C GLN G 189 8.79 -15.19 -6.37
N SER G 190 9.22 -16.43 -6.08
CA SER G 190 10.51 -16.61 -5.42
C SER G 190 11.67 -16.35 -6.37
N VAL G 191 11.61 -16.88 -7.61
CA VAL G 191 12.71 -16.66 -8.55
C VAL G 191 12.93 -15.18 -8.73
N LYS G 192 11.86 -14.39 -8.59
CA LYS G 192 11.85 -12.95 -8.68
C LYS G 192 12.39 -12.27 -7.42
N THR G 193 12.12 -12.86 -6.26
CA THR G 193 12.65 -12.32 -5.01
C THR G 193 14.16 -12.43 -4.98
N LEU G 194 14.68 -13.65 -5.13
CA LEU G 194 16.13 -13.82 -5.25
C LEU G 194 16.68 -13.14 -6.48
N PHE G 195 15.82 -12.88 -7.46
CA PHE G 195 16.25 -12.21 -8.67
C PHE G 195 16.83 -10.85 -8.36
N LEU G 196 16.15 -10.10 -7.48
CA LEU G 196 16.64 -8.77 -7.13
C LEU G 196 17.53 -8.81 -5.90
N GLU G 197 17.36 -9.80 -5.04
CA GLU G 197 18.25 -9.99 -3.91
C GLU G 197 19.33 -11.02 -4.21
N ASN H 7 7.17 -35.21 -45.51
CA ASN H 7 6.62 -36.36 -44.82
C ASN H 7 6.78 -36.24 -43.30
N PHE H 8 7.71 -35.39 -42.87
CA PHE H 8 7.93 -35.19 -41.45
C PHE H 8 6.93 -34.19 -40.88
N THR H 9 6.79 -34.19 -39.56
CA THR H 9 6.09 -33.07 -38.95
C THR H 9 6.94 -31.81 -39.12
N GLU H 10 6.27 -30.66 -39.19
CA GLU H 10 7.01 -29.41 -39.29
C GLU H 10 7.79 -29.09 -38.02
N GLN H 11 7.62 -29.88 -36.97
CA GLN H 11 8.46 -29.67 -35.80
C GLN H 11 9.83 -30.32 -35.98
N GLU H 12 9.91 -31.53 -36.56
CA GLU H 12 11.20 -32.16 -36.74
C GLU H 12 12.02 -31.50 -37.83
N GLU H 13 11.40 -31.08 -38.94
CA GLU H 13 12.19 -30.38 -39.93
C GLU H 13 12.64 -29.03 -39.39
N ASP H 14 11.83 -28.38 -38.55
CA ASP H 14 12.34 -27.22 -37.83
C ASP H 14 13.58 -27.58 -37.03
N LEU H 15 13.53 -28.69 -36.31
CA LEU H 15 14.64 -29.07 -35.46
C LEU H 15 15.85 -29.46 -36.30
N ILE H 16 15.62 -30.12 -37.43
CA ILE H 16 16.71 -30.53 -38.30
C ILE H 16 17.39 -29.31 -38.92
N ILE H 17 16.61 -28.35 -39.41
CA ILE H 17 17.20 -27.15 -39.97
C ILE H 17 18.09 -26.45 -38.96
N ARG H 18 17.63 -26.30 -37.71
CA ARG H 18 18.45 -25.60 -36.75
C ARG H 18 19.74 -26.37 -36.49
N LEU H 19 19.63 -27.67 -36.23
CA LEU H 19 20.83 -28.39 -35.80
C LEU H 19 21.83 -28.54 -36.92
N HIS H 20 21.38 -28.54 -38.18
CA HIS H 20 22.35 -28.62 -39.26
C HIS H 20 22.94 -27.26 -39.56
N LYS H 21 22.21 -26.19 -39.27
CA LYS H 21 22.81 -24.86 -39.36
C LYS H 21 23.86 -24.63 -38.28
N LEU H 22 23.95 -25.53 -37.32
CA LEU H 22 24.94 -25.43 -36.24
C LEU H 22 25.96 -26.59 -36.23
N LEU H 23 25.64 -27.70 -36.87
CA LEU H 23 26.54 -28.85 -36.90
C LEU H 23 26.93 -29.31 -38.30
N GLY H 24 26.39 -28.73 -39.35
CA GLY H 24 26.77 -29.22 -40.66
C GLY H 24 26.23 -30.63 -40.86
N ASN H 25 27.00 -31.48 -41.50
CA ASN H 25 26.56 -32.81 -41.95
C ASN H 25 26.98 -33.92 -40.99
N ARG H 26 26.77 -33.72 -39.69
CA ARG H 26 27.02 -34.73 -38.67
C ARG H 26 25.68 -35.29 -38.21
N TRP H 27 25.15 -36.21 -39.01
CA TRP H 27 23.81 -36.75 -38.82
C TRP H 27 23.71 -37.68 -37.63
N SER H 28 24.83 -38.23 -37.15
CA SER H 28 24.80 -38.99 -35.91
C SER H 28 24.34 -38.10 -34.76
N LEU H 29 24.85 -36.86 -34.69
CA LEU H 29 24.44 -35.95 -33.64
C LEU H 29 23.03 -35.42 -33.88
N ILE H 30 22.71 -35.12 -35.14
CA ILE H 30 21.42 -34.53 -35.46
C ILE H 30 20.30 -35.52 -35.18
N ALA H 31 20.52 -36.79 -35.55
CA ALA H 31 19.46 -37.77 -35.36
C ALA H 31 19.14 -38.00 -33.90
N LYS H 32 20.13 -37.89 -33.00
CA LYS H 32 19.82 -38.13 -31.59
C LYS H 32 18.99 -37.02 -31.00
N ARG H 33 19.03 -35.81 -31.58
CA ARG H 33 18.18 -34.75 -31.09
C ARG H 33 16.83 -34.72 -31.79
N VAL H 34 16.65 -35.51 -32.84
CA VAL H 34 15.34 -35.70 -33.44
C VAL H 34 14.86 -37.09 -33.06
N PRO H 35 14.12 -37.24 -31.98
CA PRO H 35 13.60 -38.58 -31.66
C PRO H 35 12.61 -39.02 -32.73
N GLY H 36 12.70 -40.30 -33.08
CA GLY H 36 11.90 -40.89 -34.11
C GLY H 36 12.61 -41.12 -35.41
N ARG H 37 13.80 -40.55 -35.59
CA ARG H 37 14.52 -40.62 -36.85
C ARG H 37 15.89 -41.24 -36.66
N THR H 38 16.27 -42.10 -37.59
CA THR H 38 17.61 -42.62 -37.60
C THR H 38 18.57 -41.65 -38.28
N ASP H 39 19.86 -41.97 -38.19
CA ASP H 39 20.88 -41.16 -38.87
C ASP H 39 20.62 -41.08 -40.37
N ASN H 40 20.01 -42.11 -40.96
CA ASN H 40 19.89 -42.16 -42.40
C ASN H 40 18.63 -41.50 -42.95
N GLN H 41 17.51 -41.56 -42.24
CA GLN H 41 16.32 -40.91 -42.76
C GLN H 41 16.38 -39.40 -42.58
N VAL H 42 17.19 -38.89 -41.64
CA VAL H 42 17.40 -37.45 -41.58
C VAL H 42 18.28 -37.01 -42.75
N LYS H 43 19.29 -37.81 -43.11
CA LYS H 43 20.18 -37.42 -44.19
C LYS H 43 19.43 -37.37 -45.51
N ASN H 44 18.61 -38.38 -45.78
CA ASN H 44 17.86 -38.39 -47.03
C ASN H 44 16.80 -37.29 -47.06
N TYR H 45 16.12 -37.05 -45.94
CA TYR H 45 15.09 -36.02 -45.92
C TYR H 45 15.70 -34.64 -46.13
N TRP H 46 16.87 -34.40 -45.55
CA TRP H 46 17.52 -33.11 -45.72
C TRP H 46 17.89 -32.87 -47.17
N ASN H 47 18.54 -33.84 -47.81
CA ASN H 47 19.04 -33.63 -49.16
C ASN H 47 17.90 -33.46 -50.16
N THR H 48 16.73 -34.00 -49.87
CA THR H 48 15.58 -33.88 -50.77
C THR H 48 14.75 -32.64 -50.44
N HIS H 49 14.19 -32.58 -49.23
CA HIS H 49 13.16 -31.59 -48.92
C HIS H 49 13.68 -30.28 -48.35
N LEU H 50 14.90 -30.25 -47.80
CA LEU H 50 15.37 -29.11 -47.02
C LEU H 50 16.67 -28.57 -47.62
N SER H 51 16.54 -27.66 -48.59
CA SER H 51 17.71 -26.99 -49.16
C SER H 51 17.26 -25.81 -50.02
N ASP I 4 -5.35 2.76 -34.54
CA ASP I 4 -6.74 2.84 -34.12
C ASP I 4 -7.32 1.43 -34.06
N ASN I 5 -6.50 0.46 -34.44
CA ASN I 5 -6.73 -0.91 -34.00
C ASN I 5 -6.99 -0.97 -32.50
N LEU I 6 -6.21 -0.21 -31.74
CA LEU I 6 -6.19 -0.30 -30.30
C LEU I 6 -7.17 0.66 -29.63
N LYS I 7 -7.56 1.74 -30.32
CA LYS I 7 -8.66 2.57 -29.84
C LYS I 7 -9.96 1.81 -29.83
N LYS I 8 -10.15 0.90 -30.79
CA LYS I 8 -11.42 0.19 -30.91
C LYS I 8 -11.55 -0.86 -29.82
N GLN I 9 -10.52 -1.69 -29.67
CA GLN I 9 -10.60 -2.72 -28.66
C GLN I 9 -10.49 -2.14 -27.26
N LEU I 10 -9.76 -1.04 -27.08
CA LEU I 10 -9.80 -0.34 -25.80
C LEU I 10 -11.21 0.12 -25.50
N ALA I 11 -11.88 0.71 -26.49
CA ALA I 11 -13.24 1.15 -26.30
C ALA I 11 -14.14 0.00 -25.86
N VAL I 12 -14.16 -1.09 -26.63
CA VAL I 12 -15.09 -2.16 -26.35
C VAL I 12 -14.87 -2.73 -24.96
N SER I 13 -13.60 -2.76 -24.52
CA SER I 13 -13.27 -3.34 -23.22
C SER I 13 -13.77 -2.48 -22.08
N VAL I 14 -13.46 -1.18 -22.13
CA VAL I 14 -13.76 -0.31 -21.00
C VAL I 14 -15.26 -0.06 -20.87
N ARG I 15 -15.93 0.02 -22.02
CA ARG I 15 -17.38 0.25 -22.03
C ARG I 15 -18.21 -0.91 -21.49
N ASN I 16 -17.70 -2.14 -21.60
CA ASN I 16 -18.45 -3.29 -21.11
C ASN I 16 -18.17 -3.54 -19.64
N ILE I 17 -16.94 -3.30 -19.18
CA ILE I 17 -16.68 -3.34 -17.75
C ILE I 17 -17.18 -2.09 -17.04
N GLN I 18 -17.49 -1.04 -17.78
CA GLN I 18 -18.05 0.20 -17.23
C GLN I 18 -17.15 0.82 -16.17
N TRP I 19 -15.91 1.07 -16.56
CA TRP I 19 -14.96 1.87 -15.81
C TRP I 19 -14.81 3.22 -16.48
N SER I 20 -14.13 4.14 -15.79
CA SER I 20 -14.14 5.52 -16.27
C SER I 20 -13.20 5.73 -17.46
N TYR I 21 -12.04 5.10 -17.45
CA TYR I 21 -11.12 5.30 -18.56
C TYR I 21 -10.28 4.06 -18.74
N GLY I 22 -9.64 3.98 -19.91
CA GLY I 22 -8.64 2.95 -20.17
C GLY I 22 -7.45 3.55 -20.88
N ILE I 23 -6.24 3.19 -20.47
CA ILE I 23 -5.02 3.66 -21.12
C ILE I 23 -4.16 2.46 -21.46
N PHE I 24 -3.54 2.50 -22.63
CA PHE I 24 -2.53 1.53 -23.00
C PHE I 24 -1.19 2.25 -23.08
N TRP I 25 -0.23 1.85 -22.26
CA TRP I 25 1.12 2.43 -22.30
C TRP I 25 2.00 1.48 -23.11
N SER I 26 2.53 1.98 -24.22
CA SER I 26 3.37 1.18 -25.12
C SER I 26 4.83 1.51 -24.87
N VAL I 27 5.70 0.51 -25.02
CA VAL I 27 7.12 0.75 -24.85
C VAL I 27 7.64 1.65 -25.96
N SER I 28 8.54 2.55 -25.60
CA SER I 28 9.07 3.51 -26.56
C SER I 28 9.92 2.81 -27.61
N ALA I 29 9.77 3.23 -28.87
CA ALA I 29 10.61 2.67 -29.92
C ALA I 29 12.05 3.11 -29.78
N SER I 30 12.28 4.32 -29.27
CA SER I 30 13.64 4.82 -29.05
C SER I 30 14.22 4.24 -27.77
N GLN I 31 13.75 4.72 -26.62
CA GLN I 31 14.31 4.31 -25.36
C GLN I 31 13.75 2.96 -24.94
N PRO I 32 14.57 1.93 -24.77
CA PRO I 32 14.04 0.63 -24.35
C PRO I 32 13.67 0.66 -22.87
N GLY I 33 12.61 -0.05 -22.55
CA GLY I 33 12.18 -0.18 -21.17
C GLY I 33 11.45 1.02 -20.62
N VAL I 34 11.15 2.02 -21.44
CA VAL I 34 10.40 3.20 -21.03
C VAL I 34 9.01 3.15 -21.66
N LEU I 35 7.99 3.37 -20.84
CA LEU I 35 6.62 3.39 -21.34
C LEU I 35 6.15 4.82 -21.59
N GLU I 36 5.28 4.96 -22.58
CA GLU I 36 4.76 6.25 -22.98
C GLU I 36 3.29 6.06 -23.31
N TRP I 37 2.54 7.16 -23.27
CA TRP I 37 1.12 7.07 -23.56
C TRP I 37 0.95 6.56 -24.99
N GLY I 38 0.52 5.31 -25.12
CA GLY I 38 0.33 4.72 -26.44
C GLY I 38 -1.01 5.06 -27.03
N ASP I 39 -2.09 4.58 -26.43
CA ASP I 39 -3.41 5.04 -26.81
C ASP I 39 -4.35 4.83 -25.65
N GLY I 40 -5.54 5.40 -25.76
CA GLY I 40 -6.46 5.32 -24.64
C GLY I 40 -7.90 5.48 -25.11
N TYR I 41 -8.80 5.23 -24.17
CA TYR I 41 -10.20 5.52 -24.40
C TYR I 41 -10.83 6.00 -23.10
N TYR I 42 -11.59 7.09 -23.18
CA TYR I 42 -12.24 7.68 -22.03
C TYR I 42 -13.74 7.41 -22.11
N ASN I 43 -14.35 7.08 -20.97
CA ASN I 43 -15.77 6.71 -20.88
C ASN I 43 -16.29 7.18 -19.53
N GLY I 44 -16.27 8.48 -19.30
CA GLY I 44 -16.78 8.97 -18.04
C GLY I 44 -18.08 9.75 -18.08
N ASP I 45 -17.96 11.05 -18.36
CA ASP I 45 -18.99 12.02 -18.05
C ASP I 45 -19.33 12.91 -19.24
N ILE I 46 -20.24 13.83 -18.95
CA ILE I 46 -20.64 14.85 -19.90
C ILE I 46 -20.66 16.20 -19.22
N LYS I 47 -20.35 17.23 -19.99
CA LYS I 47 -20.40 18.62 -19.54
C LYS I 47 -21.63 19.33 -20.10
N GLN I 61 -20.96 5.02 -32.46
CA GLN I 61 -21.79 4.16 -31.61
C GLN I 61 -20.98 3.72 -30.40
N LEU I 62 -19.66 3.87 -30.52
CA LEU I 62 -18.77 3.67 -29.39
C LEU I 62 -18.41 4.97 -28.69
N GLY I 63 -18.96 6.09 -29.13
CA GLY I 63 -18.61 7.38 -28.55
C GLY I 63 -17.13 7.69 -28.69
N LEU I 64 -16.46 7.10 -29.67
CA LEU I 64 -15.02 7.28 -29.82
C LEU I 64 -14.61 8.71 -30.12
N GLU I 65 -15.56 9.59 -30.45
CA GLU I 65 -15.14 10.93 -30.86
C GLU I 65 -14.57 11.69 -29.68
N ARG I 66 -15.22 11.59 -28.51
CA ARG I 66 -14.74 12.35 -27.35
C ARG I 66 -13.34 11.90 -26.97
N SER I 67 -13.12 10.60 -26.90
CA SER I 67 -11.78 10.11 -26.61
C SER I 67 -10.77 10.63 -27.63
N GLU I 68 -11.21 10.87 -28.86
CA GLU I 68 -10.29 11.39 -29.88
C GLU I 68 -10.12 12.90 -29.83
N GLN I 69 -11.10 13.67 -29.34
CA GLN I 69 -10.92 15.11 -29.31
C GLN I 69 -10.14 15.59 -28.08
N LEU I 70 -10.11 14.82 -26.98
CA LEU I 70 -9.23 15.27 -25.92
C LEU I 70 -7.78 15.05 -26.30
N ARG I 71 -7.52 14.08 -27.20
CA ARG I 71 -6.16 13.91 -27.67
C ARG I 71 -5.83 14.92 -28.76
N GLU I 72 -6.81 15.25 -29.60
CA GLU I 72 -6.64 16.39 -30.48
C GLU I 72 -6.45 17.66 -29.67
N LEU I 73 -7.20 17.81 -28.58
CA LEU I 73 -7.04 18.99 -27.74
C LEU I 73 -5.67 18.98 -27.08
N TYR I 74 -5.25 17.82 -26.58
CA TYR I 74 -3.98 17.72 -25.88
C TYR I 74 -2.83 18.18 -26.76
N GLU I 75 -2.79 17.75 -28.02
CA GLU I 75 -1.66 18.09 -28.86
C GLU I 75 -1.76 19.49 -29.43
N SER I 76 -2.95 20.11 -29.38
CA SER I 76 -3.03 21.51 -29.75
C SER I 76 -2.41 22.42 -28.69
N LEU I 77 -2.56 22.07 -27.40
CA LEU I 77 -1.92 22.86 -26.37
C LEU I 77 -0.44 22.54 -26.23
N SER I 78 0.00 21.40 -26.73
CA SER I 78 1.41 21.06 -26.63
C SER I 78 2.24 21.98 -27.51
N LEU I 79 1.63 22.56 -28.54
CA LEU I 79 2.26 23.57 -29.38
C LEU I 79 2.19 24.94 -28.72
N ALA I 80 2.49 25.00 -27.42
CA ALA I 80 2.54 26.27 -26.69
C ALA I 80 3.99 26.68 -26.48
N THR I 91 -2.89 32.43 -33.63
CA THR I 91 -3.99 32.99 -34.40
C THR I 91 -4.86 31.90 -35.03
N ARG I 92 -4.23 31.00 -35.79
CA ARG I 92 -4.97 29.96 -36.49
C ARG I 92 -5.76 29.12 -35.51
N ARG I 93 -7.04 28.94 -35.80
CA ARG I 93 -7.99 28.35 -34.87
C ARG I 93 -8.74 27.22 -35.57
N ALA I 94 -8.99 26.13 -34.83
CA ALA I 94 -9.38 24.87 -35.46
C ALA I 94 -10.84 24.83 -35.91
N SER I 95 -11.74 25.46 -35.17
CA SER I 95 -13.19 25.33 -35.39
C SER I 95 -13.63 23.87 -35.15
N ALA I 98 -11.98 21.97 -31.48
CA ALA I 98 -13.37 22.00 -31.06
C ALA I 98 -13.50 22.28 -29.57
N LEU I 99 -13.04 21.34 -28.75
CA LEU I 99 -13.14 21.46 -27.31
C LEU I 99 -12.13 22.48 -26.79
N SER I 100 -12.39 22.95 -25.57
CA SER I 100 -11.49 23.89 -24.93
C SER I 100 -11.36 23.56 -23.46
N PRO I 101 -10.22 23.89 -22.85
CA PRO I 101 -9.96 23.46 -21.46
C PRO I 101 -11.12 23.69 -20.52
N GLU I 102 -11.91 24.76 -20.72
CA GLU I 102 -13.00 25.04 -19.79
C GLU I 102 -14.23 24.17 -19.99
N ASP I 103 -14.27 23.30 -20.98
CA ASP I 103 -15.38 22.38 -21.13
C ASP I 103 -15.07 21.00 -20.62
N LEU I 104 -13.86 20.77 -20.13
CA LEU I 104 -13.46 19.45 -19.67
C LEU I 104 -13.78 19.33 -18.19
N THR I 105 -14.35 18.18 -17.80
CA THR I 105 -14.58 17.94 -16.39
C THR I 105 -13.28 17.54 -15.72
N ASP I 106 -13.40 17.27 -14.43
CA ASP I 106 -12.25 16.91 -13.63
C ASP I 106 -11.70 15.56 -14.04
N THR I 107 -12.56 14.62 -14.39
CA THR I 107 -12.03 13.31 -14.73
C THR I 107 -11.47 13.29 -16.15
N GLU I 108 -12.03 14.08 -17.07
CA GLU I 108 -11.38 14.21 -18.36
C GLU I 108 -10.08 14.99 -18.24
N TRP I 109 -9.97 15.84 -17.23
CA TRP I 109 -8.70 16.50 -16.96
C TRP I 109 -7.65 15.50 -16.53
N TYR I 110 -8.02 14.55 -15.67
CA TYR I 110 -7.09 13.48 -15.36
C TYR I 110 -6.69 12.75 -16.63
N TYR I 111 -7.67 12.40 -17.47
CA TYR I 111 -7.39 11.58 -18.65
C TYR I 111 -6.51 12.34 -19.63
N LEU I 112 -6.70 13.65 -19.72
CA LEU I 112 -5.89 14.41 -20.65
C LEU I 112 -4.46 14.55 -20.12
N VAL I 113 -4.33 14.83 -18.82
CA VAL I 113 -3.01 15.03 -18.23
C VAL I 113 -2.18 13.75 -18.23
N CYS I 114 -2.81 12.57 -18.25
CA CYS I 114 -2.00 11.35 -18.27
C CYS I 114 -1.23 11.18 -19.57
N MET I 115 -1.64 11.83 -20.65
CA MET I 115 -0.89 11.69 -21.88
C MET I 115 0.48 12.31 -21.77
N SER I 116 0.67 13.24 -20.83
CA SER I 116 1.96 13.85 -20.57
C SER I 116 2.91 12.98 -19.78
N PHE I 117 2.51 11.77 -19.43
CA PHE I 117 3.30 10.93 -18.53
C PHE I 117 4.19 9.97 -19.28
N VAL I 118 5.38 9.73 -18.73
CA VAL I 118 6.35 8.77 -19.26
C VAL I 118 7.01 8.08 -18.07
N PHE I 119 7.12 6.76 -18.11
CA PHE I 119 7.59 5.97 -16.97
C PHE I 119 8.81 5.16 -17.37
N ASN I 120 9.89 5.32 -16.61
CA ASN I 120 11.07 4.48 -16.78
C ASN I 120 10.80 3.07 -16.26
N ILE I 121 11.86 2.26 -16.28
CA ILE I 121 11.78 0.90 -15.75
C ILE I 121 11.45 0.97 -14.27
N GLY I 122 10.32 0.40 -13.88
CA GLY I 122 9.98 0.33 -12.47
C GLY I 122 9.31 1.57 -11.90
N GLU I 123 9.33 2.70 -12.61
CA GLU I 123 8.74 3.92 -12.10
C GLU I 123 7.25 3.95 -12.36
N GLY I 124 6.52 4.51 -11.43
CA GLY I 124 5.07 4.52 -11.51
C GLY I 124 4.48 3.14 -11.34
N ILE I 125 3.17 3.08 -11.48
CA ILE I 125 2.46 1.81 -11.44
C ILE I 125 2.47 1.14 -12.81
N PRO I 126 2.54 1.87 -13.98
CA PRO I 126 2.77 1.16 -15.24
C PRO I 126 4.17 0.55 -15.33
N GLY I 127 5.18 1.33 -14.96
CA GLY I 127 6.54 0.81 -14.92
C GLY I 127 6.72 -0.29 -13.90
N GLY I 128 5.97 -0.22 -12.79
CA GLY I 128 6.01 -1.28 -11.80
C GLY I 128 5.33 -2.55 -12.27
N ALA I 129 4.21 -2.42 -13.00
CA ALA I 129 3.52 -3.60 -13.52
C ALA I 129 4.34 -4.28 -14.61
N LEU I 130 5.00 -3.50 -15.46
CA LEU I 130 5.84 -4.08 -16.50
C LEU I 130 7.11 -4.68 -15.93
N SER I 131 7.72 -4.02 -14.93
CA SER I 131 8.96 -4.51 -14.36
C SER I 131 8.74 -5.79 -13.58
N ASN I 132 7.62 -5.88 -12.88
CA ASN I 132 7.30 -7.08 -12.10
C ASN I 132 6.56 -8.12 -12.92
N GLY I 133 5.98 -7.75 -14.05
CA GLY I 133 5.24 -8.69 -14.84
C GLY I 133 3.96 -9.19 -14.20
N GLU I 134 3.39 -8.42 -13.28
CA GLU I 134 2.18 -8.80 -12.57
C GLU I 134 1.32 -7.60 -12.35
N PRO I 135 -0.01 -7.74 -12.30
CA PRO I 135 -0.90 -6.61 -12.15
C PRO I 135 -0.71 -5.92 -10.81
N ILE I 136 -1.07 -4.63 -10.78
CA ILE I 136 -1.01 -3.80 -9.57
C ILE I 136 -2.40 -3.23 -9.35
N TRP I 137 -3.19 -3.89 -8.53
CA TRP I 137 -4.51 -3.37 -8.20
C TRP I 137 -4.39 -2.34 -7.12
N LEU I 138 -4.93 -1.15 -7.37
CA LEU I 138 -4.68 -0.02 -6.49
C LEU I 138 -6.00 0.59 -6.07
N CYS I 139 -6.29 0.51 -4.78
CA CYS I 139 -7.47 1.09 -4.13
C CYS I 139 -7.13 2.37 -3.35
N ASN I 140 -8.17 3.19 -3.16
CA ASN I 140 -8.01 4.57 -2.70
C ASN I 140 -6.86 5.27 -3.41
N ALA I 141 -7.04 5.55 -4.71
CA ALA I 141 -6.01 6.20 -5.50
C ALA I 141 -5.79 7.64 -5.08
N GLU I 142 -6.84 8.33 -4.64
CA GLU I 142 -6.72 9.73 -4.27
C GLU I 142 -5.76 9.96 -3.12
N THR I 143 -5.46 8.92 -2.35
CA THR I 143 -4.61 9.06 -1.18
C THR I 143 -3.41 8.11 -1.18
N ALA I 144 -3.10 7.48 -2.32
CA ALA I 144 -1.92 6.67 -2.41
C ALA I 144 -0.65 7.51 -2.27
N ASP I 145 0.45 6.85 -1.99
CA ASP I 145 1.72 7.50 -1.75
C ASP I 145 2.48 7.70 -3.04
N SER I 146 3.20 8.83 -3.09
CA SER I 146 3.96 9.22 -4.27
C SER I 146 4.90 8.11 -4.73
N LYS I 147 5.45 7.35 -3.78
CA LYS I 147 6.43 6.33 -4.12
C LYS I 147 5.77 5.11 -4.77
N VAL I 148 4.44 5.07 -4.85
CA VAL I 148 3.74 3.97 -5.47
C VAL I 148 2.89 4.44 -6.64
N PHE I 149 2.31 5.62 -6.56
CA PHE I 149 1.37 6.10 -7.58
C PHE I 149 1.69 7.55 -7.90
N THR I 150 2.36 7.77 -9.03
CA THR I 150 2.80 9.10 -9.42
C THR I 150 1.64 10.08 -9.57
N ARG I 151 0.43 9.60 -9.81
CA ARG I 151 -0.70 10.47 -10.12
C ARG I 151 -1.74 10.45 -9.00
N SER I 152 -1.30 10.32 -7.75
CA SER I 152 -2.25 10.26 -6.63
C SER I 152 -3.01 11.56 -6.49
N LEU I 153 -2.28 12.66 -6.49
CA LEU I 153 -2.92 13.97 -6.39
C LEU I 153 -3.76 14.27 -7.63
N LEU I 154 -3.31 13.82 -8.80
CA LEU I 154 -4.12 14.01 -10.01
C LEU I 154 -5.39 13.18 -9.95
N ALA I 155 -5.34 12.02 -9.29
CA ALA I 155 -6.52 11.19 -9.14
C ALA I 155 -7.53 11.81 -8.19
N LYS I 156 -7.06 12.46 -7.13
CA LYS I 156 -7.99 13.06 -6.19
C LYS I 156 -8.71 14.26 -6.80
N SER I 157 -8.02 15.02 -7.64
CA SER I 157 -8.68 16.09 -8.39
C SER I 157 -9.85 15.56 -9.19
N ALA I 158 -9.85 14.27 -9.53
CA ALA I 158 -10.93 13.65 -10.27
C ALA I 158 -11.64 12.58 -9.47
N SER I 159 -11.29 12.41 -8.20
CA SER I 159 -11.91 11.46 -7.28
C SER I 159 -12.03 10.07 -7.89
N LEU I 160 -10.89 9.54 -8.33
CA LEU I 160 -10.78 8.15 -8.75
C LEU I 160 -10.25 7.30 -7.60
N GLN I 161 -10.94 6.20 -7.30
CA GLN I 161 -10.57 5.36 -6.17
C GLN I 161 -9.78 4.12 -6.57
N THR I 162 -10.04 3.57 -7.75
CA THR I 162 -9.43 2.32 -8.19
C THR I 162 -8.69 2.57 -9.49
N VAL I 163 -7.43 2.17 -9.53
CA VAL I 163 -6.62 2.21 -10.74
C VAL I 163 -5.87 0.89 -10.81
N VAL I 164 -5.92 0.23 -11.96
CA VAL I 164 -5.34 -1.11 -12.11
C VAL I 164 -4.40 -1.09 -13.30
N CYS I 165 -3.22 -1.66 -13.12
CA CYS I 165 -2.29 -1.90 -14.21
C CYS I 165 -1.97 -3.39 -14.29
N PHE I 166 -1.61 -3.82 -15.50
CA PHE I 166 -1.12 -5.17 -15.71
C PHE I 166 -0.41 -5.20 -17.07
N PRO I 167 0.64 -5.99 -17.20
CA PRO I 167 1.30 -6.07 -18.51
C PRO I 167 0.41 -6.81 -19.49
N PHE I 168 0.49 -6.41 -20.76
CA PHE I 168 -0.41 -6.94 -21.77
C PHE I 168 0.09 -6.49 -23.14
N LEU I 169 0.08 -7.43 -24.08
CA LEU I 169 0.52 -7.20 -25.45
C LEU I 169 1.88 -6.51 -25.50
N GLY I 170 2.78 -6.93 -24.62
CA GLY I 170 4.11 -6.35 -24.64
C GLY I 170 4.19 -4.93 -24.15
N GLY I 171 3.13 -4.44 -23.52
CA GLY I 171 3.15 -3.14 -22.87
C GLY I 171 2.38 -3.24 -21.57
N VAL I 172 1.72 -2.17 -21.12
CA VAL I 172 0.94 -2.19 -19.89
C VAL I 172 -0.40 -1.54 -20.19
N LEU I 173 -1.48 -2.23 -19.88
CA LEU I 173 -2.80 -1.66 -20.09
C LEU I 173 -3.36 -1.25 -18.73
N GLU I 174 -3.91 -0.04 -18.66
CA GLU I 174 -4.43 0.46 -17.40
C GLU I 174 -5.87 0.95 -17.46
N ILE I 175 -6.64 0.52 -16.46
CA ILE I 175 -8.03 0.90 -16.33
C ILE I 175 -8.27 1.49 -14.95
N GLY I 176 -9.18 2.45 -14.87
CA GLY I 176 -9.50 3.07 -13.60
C GLY I 176 -10.96 3.46 -13.53
N THR I 177 -11.45 3.60 -12.30
CA THR I 177 -12.83 3.99 -12.09
C THR I 177 -12.97 4.75 -10.80
N THR I 178 -14.06 5.51 -10.69
CA THR I 178 -14.37 6.24 -9.48
C THR I 178 -14.96 5.34 -8.41
N GLU I 179 -15.65 4.28 -8.81
CA GLU I 179 -16.18 3.31 -7.85
C GLU I 179 -15.04 2.63 -7.10
N HIS I 180 -15.39 2.04 -5.95
CA HIS I 180 -14.49 1.13 -5.27
C HIS I 180 -14.81 -0.27 -5.76
N ILE I 181 -13.82 -0.93 -6.34
CA ILE I 181 -13.91 -2.31 -6.76
C ILE I 181 -12.87 -3.09 -5.96
N LYS I 182 -13.31 -4.18 -5.33
CA LYS I 182 -12.41 -5.02 -4.56
C LYS I 182 -11.51 -5.73 -5.56
N GLU I 183 -10.36 -6.20 -5.09
CA GLU I 183 -9.41 -6.92 -5.94
C GLU I 183 -10.03 -8.19 -6.54
N ASP I 184 -10.69 -8.03 -7.68
CA ASP I 184 -11.33 -9.14 -8.40
C ASP I 184 -10.63 -9.29 -9.74
N MET I 185 -9.75 -10.29 -9.86
CA MET I 185 -8.89 -10.36 -11.04
C MET I 185 -9.52 -11.03 -12.25
N ASN I 186 -10.74 -11.53 -12.16
CA ASN I 186 -11.39 -11.93 -13.40
C ASN I 186 -11.77 -10.72 -14.21
N VAL I 187 -11.86 -9.55 -13.57
CA VAL I 187 -12.12 -8.33 -14.32
C VAL I 187 -10.99 -8.09 -15.30
N ILE I 188 -9.76 -8.40 -14.90
CA ILE I 188 -8.63 -8.32 -15.82
C ILE I 188 -8.78 -9.33 -16.95
N GLN I 189 -9.16 -10.57 -16.62
CA GLN I 189 -9.33 -11.57 -17.67
C GLN I 189 -10.50 -11.24 -18.59
N SER I 190 -11.50 -10.48 -18.12
CA SER I 190 -12.59 -10.13 -19.02
C SER I 190 -12.13 -9.12 -20.05
N VAL I 191 -11.44 -8.07 -19.63
CA VAL I 191 -11.03 -7.05 -20.59
C VAL I 191 -10.09 -7.63 -21.65
N LYS I 192 -9.28 -8.62 -21.31
CA LYS I 192 -8.40 -9.17 -22.33
C LYS I 192 -9.14 -10.07 -23.31
N THR I 193 -10.16 -10.79 -22.84
CA THR I 193 -11.00 -11.50 -23.79
C THR I 193 -11.76 -10.51 -24.65
N LEU I 194 -12.42 -9.53 -24.02
CA LEU I 194 -13.09 -8.48 -24.78
C LEU I 194 -12.13 -7.72 -25.68
N PHE I 195 -10.87 -7.60 -25.28
CA PHE I 195 -9.91 -6.85 -26.09
C PHE I 195 -9.69 -7.49 -27.43
N LEU I 196 -9.53 -8.81 -27.46
CA LEU I 196 -9.17 -9.46 -28.71
C LEU I 196 -10.41 -9.89 -29.50
N GLU I 197 -11.17 -10.84 -28.99
CA GLU I 197 -12.45 -11.15 -29.64
C GLU I 197 -13.46 -10.01 -29.41
N PHE J 8 5.62 23.05 -1.06
CA PHE J 8 5.00 22.19 -2.06
C PHE J 8 5.66 20.82 -2.16
N THR J 9 4.85 19.78 -2.01
CA THR J 9 5.35 18.43 -2.19
C THR J 9 5.77 18.23 -3.64
N GLU J 10 6.73 17.32 -3.84
CA GLU J 10 7.19 17.00 -5.19
C GLU J 10 6.06 16.57 -6.10
N GLN J 11 4.97 16.06 -5.55
CA GLN J 11 3.86 15.63 -6.39
C GLN J 11 3.06 16.81 -6.92
N GLU J 12 2.81 17.83 -6.10
CA GLU J 12 2.07 18.98 -6.62
C GLU J 12 2.93 19.78 -7.58
N GLU J 13 4.21 19.99 -7.23
CA GLU J 13 5.06 20.82 -8.08
C GLU J 13 5.29 20.18 -9.45
N ASP J 14 5.42 18.85 -9.48
CA ASP J 14 5.43 18.17 -10.77
C ASP J 14 4.17 18.48 -11.55
N LEU J 15 3.02 18.48 -10.88
CA LEU J 15 1.77 18.63 -11.61
C LEU J 15 1.62 20.02 -12.20
N ILE J 16 1.97 21.08 -11.47
CA ILE J 16 1.78 22.42 -12.02
C ILE J 16 2.67 22.63 -13.24
N ILE J 17 3.91 22.15 -13.19
CA ILE J 17 4.77 22.25 -14.37
C ILE J 17 4.09 21.58 -15.56
N ARG J 18 3.46 20.44 -15.31
CA ARG J 18 2.83 19.69 -16.40
C ARG J 18 1.72 20.51 -17.04
N LEU J 19 0.81 21.08 -16.26
CA LEU J 19 -0.27 21.80 -16.93
C LEU J 19 0.17 23.17 -17.44
N HIS J 20 1.19 23.79 -16.87
CA HIS J 20 1.50 25.07 -17.49
C HIS J 20 2.30 24.87 -18.76
N LYS J 21 3.00 23.74 -18.88
CA LYS J 21 3.57 23.42 -20.18
C LYS J 21 2.49 23.17 -21.22
N LEU J 22 1.23 23.02 -20.81
CA LEU J 22 0.13 22.86 -21.75
C LEU J 22 -0.82 24.05 -21.80
N LEU J 23 -1.09 24.74 -20.69
CA LEU J 23 -2.21 25.66 -20.65
C LEU J 23 -1.89 27.15 -20.63
N GLY J 24 -0.62 27.55 -20.64
CA GLY J 24 -0.43 28.99 -20.57
C GLY J 24 -0.85 29.51 -19.20
N ASN J 25 -0.73 30.81 -19.00
CA ASN J 25 -0.95 31.37 -17.67
C ASN J 25 -2.44 31.55 -17.39
N ARG J 26 -3.20 30.48 -17.65
CA ARG J 26 -4.60 30.42 -17.28
C ARG J 26 -4.64 29.55 -16.04
N TRP J 27 -4.25 30.17 -14.93
CA TRP J 27 -4.08 29.46 -13.67
C TRP J 27 -5.41 29.00 -13.07
N SER J 28 -6.53 29.58 -13.52
CA SER J 28 -7.85 29.13 -13.07
C SER J 28 -8.04 27.65 -13.35
N LEU J 29 -7.60 27.20 -14.52
CA LEU J 29 -7.67 25.77 -14.81
C LEU J 29 -6.62 25.01 -14.02
N ILE J 30 -5.43 25.58 -13.88
CA ILE J 30 -4.35 24.89 -13.19
C ILE J 30 -4.68 24.72 -11.71
N ALA J 31 -5.19 25.78 -11.07
CA ALA J 31 -5.41 25.73 -9.63
C ALA J 31 -6.47 24.71 -9.26
N LYS J 32 -7.49 24.52 -10.10
CA LYS J 32 -8.50 23.53 -9.74
C LYS J 32 -7.98 22.10 -9.95
N ARG J 33 -6.93 21.92 -10.74
CA ARG J 33 -6.37 20.58 -10.85
C ARG J 33 -5.37 20.30 -9.76
N VAL J 34 -5.01 21.32 -8.99
CA VAL J 34 -4.24 21.17 -7.76
C VAL J 34 -5.20 21.46 -6.60
N PRO J 35 -5.89 20.45 -6.06
CA PRO J 35 -6.74 20.71 -4.91
C PRO J 35 -5.90 21.11 -3.71
N GLY J 36 -6.41 22.03 -2.91
CA GLY J 36 -5.69 22.57 -1.79
C GLY J 36 -5.11 23.94 -2.02
N ARG J 37 -5.09 24.32 -3.28
CA ARG J 37 -4.53 25.57 -3.69
C ARG J 37 -5.54 26.62 -4.03
N THR J 38 -5.05 27.86 -4.11
CA THR J 38 -5.89 28.99 -4.43
C THR J 38 -5.58 29.53 -5.82
N ASP J 39 -6.20 30.54 -6.37
CA ASP J 39 -5.70 30.76 -7.72
C ASP J 39 -4.37 31.46 -7.68
N ASN J 40 -4.02 32.00 -6.52
CA ASN J 40 -2.80 32.77 -6.37
C ASN J 40 -1.54 32.10 -5.92
N GLN J 41 -1.61 31.18 -4.96
CA GLN J 41 -0.38 30.56 -4.49
C GLN J 41 0.24 29.70 -5.59
N VAL J 42 -0.57 29.24 -6.54
CA VAL J 42 0.01 28.57 -7.68
C VAL J 42 0.71 29.59 -8.55
N LYS J 43 0.11 30.76 -8.72
CA LYS J 43 0.71 31.75 -9.60
C LYS J 43 2.05 32.19 -9.05
N ASN J 44 2.07 32.67 -7.80
CA ASN J 44 3.32 33.21 -7.26
C ASN J 44 4.41 32.14 -7.12
N TYR J 45 4.04 30.93 -6.71
CA TYR J 45 5.07 29.91 -6.50
C TYR J 45 5.79 29.55 -7.77
N TRP J 46 5.08 29.48 -8.90
CA TRP J 46 5.77 29.20 -10.16
C TRP J 46 6.80 30.28 -10.45
N ASN J 47 6.40 31.55 -10.38
CA ASN J 47 7.34 32.64 -10.65
C ASN J 47 8.46 32.68 -9.61
N THR J 48 8.14 32.36 -8.36
CA THR J 48 9.17 32.34 -7.32
C THR J 48 10.08 31.11 -7.49
N HIS J 49 9.54 29.92 -7.22
CA HIS J 49 10.36 28.72 -7.18
C HIS J 49 10.71 28.18 -8.57
N LEU J 50 10.40 28.91 -9.64
CA LEU J 50 10.85 28.57 -10.99
C LEU J 50 10.57 29.73 -11.95
N LEU K 6 -20.95 52.38 19.57
CA LEU K 6 -19.59 51.89 19.51
C LEU K 6 -19.14 51.71 18.06
N LYS K 7 -20.07 51.93 17.12
CA LYS K 7 -19.74 51.75 15.70
C LYS K 7 -18.62 52.68 15.27
N LYS K 8 -18.63 53.92 15.75
CA LYS K 8 -17.54 54.84 15.44
C LYS K 8 -16.26 54.46 16.18
N GLN K 9 -16.40 54.05 17.45
CA GLN K 9 -15.24 53.67 18.25
C GLN K 9 -14.59 52.37 17.78
N LEU K 10 -15.32 51.53 17.04
CA LEU K 10 -14.70 50.38 16.41
C LEU K 10 -14.08 50.74 15.07
N ALA K 11 -14.69 51.65 14.32
CA ALA K 11 -14.13 52.08 13.05
C ALA K 11 -12.82 52.83 13.25
N VAL K 12 -12.76 53.71 14.25
CA VAL K 12 -11.54 54.46 14.50
C VAL K 12 -10.43 53.51 14.96
N SER K 13 -10.80 52.38 15.58
CA SER K 13 -9.82 51.48 16.14
C SER K 13 -9.15 50.64 15.06
N VAL K 14 -9.94 49.86 14.34
CA VAL K 14 -9.38 48.90 13.39
C VAL K 14 -8.69 49.60 12.23
N ARG K 15 -9.21 50.75 11.80
CA ARG K 15 -8.59 51.47 10.69
C ARG K 15 -7.18 51.94 11.05
N ASN K 16 -6.99 52.35 12.30
CA ASN K 16 -5.70 52.88 12.73
C ASN K 16 -4.68 51.76 12.94
N ILE K 17 -5.08 50.67 13.59
CA ILE K 17 -4.18 49.55 13.80
C ILE K 17 -3.89 48.82 12.50
N GLN K 18 -4.74 48.99 11.48
CA GLN K 18 -4.56 48.40 10.16
C GLN K 18 -4.71 46.87 10.22
N TRP K 19 -5.71 46.41 10.94
CA TRP K 19 -6.21 45.04 10.83
C TRP K 19 -7.50 45.05 10.01
N SER K 20 -7.99 43.86 9.67
CA SER K 20 -9.05 43.82 8.66
C SER K 20 -10.45 43.95 9.26
N TYR K 21 -10.72 43.35 10.42
CA TYR K 21 -12.06 43.42 10.99
C TYR K 21 -11.97 43.56 12.49
N GLY K 22 -13.11 43.85 13.10
CA GLY K 22 -13.21 43.96 14.53
C GLY K 22 -14.62 43.67 14.98
N ILE K 23 -14.78 43.01 16.13
CA ILE K 23 -16.09 42.65 16.66
C ILE K 23 -16.10 42.96 18.15
N PHE K 24 -17.17 43.62 18.61
CA PHE K 24 -17.46 43.75 20.03
C PHE K 24 -18.55 42.75 20.39
N TRP K 25 -18.34 42.01 21.46
CA TRP K 25 -19.38 41.13 21.99
C TRP K 25 -19.91 41.69 23.30
N LEU K 35 -23.04 35.22 24.87
CA LEU K 35 -23.63 36.54 24.75
C LEU K 35 -23.49 37.03 23.31
N GLU K 36 -24.55 37.66 22.78
CA GLU K 36 -24.65 37.90 21.35
C GLU K 36 -23.88 39.16 20.95
N TRP K 37 -23.90 39.44 19.65
CA TRP K 37 -23.18 40.55 19.04
C TRP K 37 -23.40 41.86 19.77
N GLY K 38 -22.43 42.76 19.60
CA GLY K 38 -22.60 44.16 19.93
C GLY K 38 -22.61 45.00 18.67
N ASP K 39 -21.44 45.11 18.04
CA ASP K 39 -21.30 45.76 16.74
C ASP K 39 -19.94 45.36 16.16
N GLY K 40 -19.74 45.71 14.89
CA GLY K 40 -18.48 45.40 14.24
C GLY K 40 -18.07 46.48 13.26
N TYR K 41 -16.84 46.34 12.78
CA TYR K 41 -16.26 47.26 11.79
C TYR K 41 -15.32 46.48 10.88
N TYR K 42 -15.52 46.60 9.57
CA TYR K 42 -14.61 46.02 8.58
C TYR K 42 -13.63 47.09 8.13
N ASN K 43 -12.35 46.73 8.05
CA ASN K 43 -11.32 47.68 7.60
C ASN K 43 -10.21 46.93 6.87
N GLY K 44 -10.57 46.23 5.80
CA GLY K 44 -9.59 45.45 5.06
C GLY K 44 -9.67 45.65 3.55
N ASP K 45 -8.92 44.86 2.81
CA ASP K 45 -8.85 45.00 1.35
C ASP K 45 -9.41 43.78 0.62
N GLU K 65 -19.67 52.86 4.34
CA GLU K 65 -20.62 52.21 3.45
C GLU K 65 -20.59 50.69 3.61
N ARG K 66 -19.42 50.06 3.46
CA ARG K 66 -19.30 48.58 3.58
C ARG K 66 -19.68 47.86 4.89
N SER K 67 -19.40 48.41 6.06
CA SER K 67 -19.81 47.73 7.30
C SER K 67 -21.32 47.72 7.33
N GLU K 68 -21.85 48.84 6.86
CA GLU K 68 -23.26 49.05 6.79
C GLU K 68 -23.83 48.05 5.81
N GLN K 69 -23.14 47.86 4.70
CA GLN K 69 -23.60 46.95 3.67
C GLN K 69 -23.72 45.59 4.30
N LEU K 70 -22.78 45.30 5.18
CA LEU K 70 -22.78 44.05 5.90
C LEU K 70 -23.94 43.77 6.85
N ARG K 71 -24.35 44.73 7.67
CA ARG K 71 -25.51 44.45 8.58
C ARG K 71 -26.93 44.22 7.96
N GLU K 72 -27.19 45.00 6.92
CA GLU K 72 -28.35 45.10 6.04
C GLU K 72 -28.65 43.75 5.38
N LEU K 73 -27.61 43.14 4.82
CA LEU K 73 -27.73 41.84 4.17
C LEU K 73 -27.99 40.74 5.19
N TYR K 74 -27.18 40.70 6.25
CA TYR K 74 -27.37 39.67 7.27
C TYR K 74 -28.80 39.70 7.80
N GLU K 75 -29.24 40.88 8.25
CA GLU K 75 -30.62 41.01 8.68
C GLU K 75 -31.61 40.73 7.54
N SER K 76 -31.17 40.87 6.30
CA SER K 76 -32.03 40.54 5.17
C SER K 76 -32.16 39.03 5.01
N LEU K 77 -31.06 38.30 5.14
CA LEU K 77 -31.07 36.86 4.95
C LEU K 77 -31.62 36.10 6.15
N SER K 78 -31.64 36.72 7.34
CA SER K 78 -32.13 36.08 8.56
C SER K 78 -33.66 36.03 8.52
N LEU K 79 -34.17 35.09 7.72
CA LEU K 79 -35.60 34.91 7.49
C LEU K 79 -36.31 36.24 7.21
N ASP K 106 -14.24 36.89 0.48
CA ASP K 106 -13.51 35.90 1.28
C ASP K 106 -13.61 36.23 2.78
N THR K 107 -12.97 37.30 3.23
CA THR K 107 -13.18 37.74 4.62
C THR K 107 -14.59 38.28 4.85
N GLU K 108 -15.19 38.90 3.85
CA GLU K 108 -16.56 39.37 4.00
C GLU K 108 -17.45 38.24 4.47
N TRP K 109 -17.25 37.03 3.93
CA TRP K 109 -17.92 35.85 4.44
C TRP K 109 -17.71 35.71 5.94
N TYR K 110 -16.44 35.51 6.35
CA TYR K 110 -16.06 35.39 7.76
C TYR K 110 -16.84 36.37 8.62
N TYR K 111 -16.59 37.66 8.42
CA TYR K 111 -17.22 38.72 9.19
C TYR K 111 -18.71 38.46 9.44
N LEU K 112 -19.46 38.22 8.37
CA LEU K 112 -20.91 38.16 8.54
C LEU K 112 -21.35 36.86 9.19
N VAL K 113 -20.75 35.74 8.81
CA VAL K 113 -21.18 34.45 9.36
C VAL K 113 -20.99 34.39 10.87
N CYS K 114 -20.11 35.24 11.42
CA CYS K 114 -19.99 35.34 12.87
C CYS K 114 -21.32 35.65 13.53
N MET K 115 -22.21 36.35 12.81
CA MET K 115 -23.26 37.13 13.45
C MET K 115 -24.06 36.34 14.48
N SER K 116 -24.19 35.02 14.30
CA SER K 116 -24.87 34.19 15.28
C SER K 116 -23.92 33.19 15.94
N PHE K 117 -22.61 33.42 15.85
CA PHE K 117 -21.64 32.60 16.56
C PHE K 117 -21.55 33.11 17.99
N VAL K 118 -22.54 32.71 18.79
CA VAL K 118 -22.75 33.21 20.15
C VAL K 118 -22.42 32.10 21.14
N PHE K 119 -21.61 32.43 22.14
CA PHE K 119 -21.10 31.45 23.09
C PHE K 119 -21.51 31.83 24.51
N ASN K 120 -21.56 30.81 25.36
CA ASN K 120 -21.82 30.97 26.78
C ASN K 120 -20.50 31.24 27.50
N ILE K 121 -20.56 31.44 28.81
CA ILE K 121 -19.35 31.70 29.58
C ILE K 121 -18.42 30.51 29.48
N GLY K 122 -17.17 30.78 29.08
CA GLY K 122 -16.17 29.75 28.92
C GLY K 122 -16.10 29.14 27.54
N GLU K 123 -17.20 29.15 26.79
CA GLU K 123 -17.24 28.60 25.44
C GLU K 123 -16.70 29.62 24.45
N GLY K 124 -15.97 29.12 23.44
CA GLY K 124 -15.45 29.98 22.42
C GLY K 124 -14.26 30.80 22.89
N ILE K 125 -13.89 31.76 22.06
CA ILE K 125 -12.78 32.67 22.35
C ILE K 125 -13.30 33.85 23.17
N PRO K 126 -14.41 34.49 22.78
CA PRO K 126 -14.98 35.50 23.69
C PRO K 126 -15.26 34.97 25.08
N GLY K 127 -16.06 33.90 25.19
CA GLY K 127 -16.40 33.39 26.50
C GLY K 127 -15.19 33.02 27.34
N GLY K 128 -14.15 32.51 26.69
CA GLY K 128 -12.95 32.16 27.42
C GLY K 128 -12.16 33.36 27.90
N ALA K 129 -12.20 34.46 27.14
CA ALA K 129 -11.56 35.69 27.58
C ALA K 129 -12.36 36.37 28.68
N LEU K 130 -13.70 36.29 28.64
CA LEU K 130 -14.52 36.98 29.64
C LEU K 130 -14.40 36.31 31.00
N SER K 131 -14.54 34.99 31.05
CA SER K 131 -14.57 34.28 32.32
C SER K 131 -13.16 34.10 32.90
N ASN K 132 -12.15 34.09 32.04
CA ASN K 132 -10.76 34.09 32.47
C ASN K 132 -10.22 35.49 32.66
N GLY K 133 -10.86 36.50 32.09
CA GLY K 133 -10.47 37.89 32.30
C GLY K 133 -9.15 38.26 31.67
N GLU K 134 -8.76 37.59 30.59
CA GLU K 134 -7.47 37.81 29.96
C GLU K 134 -7.61 37.75 28.45
N PRO K 135 -6.79 38.50 27.72
CA PRO K 135 -6.74 38.37 26.27
C PRO K 135 -6.33 36.96 25.85
N ILE K 136 -6.80 36.55 24.68
CA ILE K 136 -6.39 35.28 24.07
C ILE K 136 -5.84 35.55 22.67
N TRP K 137 -4.52 35.74 22.55
CA TRP K 137 -3.89 35.93 21.24
C TRP K 137 -3.74 34.58 20.55
N LEU K 138 -4.01 34.58 19.25
CA LEU K 138 -4.08 33.34 18.49
C LEU K 138 -3.33 33.52 17.18
N CYS K 139 -2.38 32.63 16.92
CA CYS K 139 -1.60 32.65 15.70
C CYS K 139 -2.15 31.59 14.75
N ASN K 140 -1.47 31.49 13.59
CA ASN K 140 -1.74 30.48 12.56
C ASN K 140 -3.20 30.06 12.61
N ALA K 141 -4.07 31.04 12.41
CA ALA K 141 -5.49 30.78 12.54
C ALA K 141 -5.97 29.80 11.49
N GLU K 142 -5.23 29.65 10.39
CA GLU K 142 -5.64 28.79 9.29
C GLU K 142 -5.26 27.33 9.48
N THR K 143 -4.85 26.94 10.69
CA THR K 143 -4.69 25.54 11.04
C THR K 143 -5.05 25.26 12.49
N ALA K 144 -5.68 26.20 13.20
CA ALA K 144 -5.91 26.01 14.63
C ALA K 144 -6.97 24.93 14.87
N ASP K 145 -7.13 24.58 16.13
CA ASP K 145 -8.03 23.50 16.52
C ASP K 145 -9.24 24.08 17.24
N SER K 146 -10.34 23.33 17.19
CA SER K 146 -11.65 23.82 17.58
C SER K 146 -11.93 23.70 19.07
N LYS K 147 -10.99 23.23 19.88
CA LYS K 147 -11.24 23.10 21.31
C LYS K 147 -11.41 24.46 21.98
N VAL K 148 -10.61 25.45 21.59
CA VAL K 148 -10.74 26.79 22.14
C VAL K 148 -11.08 27.84 21.09
N PHE K 149 -10.85 27.57 19.80
CA PHE K 149 -11.09 28.55 18.75
C PHE K 149 -12.23 27.96 17.92
N THR K 150 -13.45 28.39 18.25
CA THR K 150 -14.68 27.72 17.82
C THR K 150 -14.97 27.93 16.33
N ARG K 151 -14.58 29.06 15.77
CA ARG K 151 -14.80 29.30 14.36
C ARG K 151 -13.57 28.93 13.53
N SER K 152 -13.04 27.74 13.79
CA SER K 152 -11.85 27.27 13.08
C SER K 152 -11.94 27.21 11.55
N LEU K 153 -12.75 26.28 11.04
CA LEU K 153 -12.91 26.06 9.61
C LEU K 153 -13.43 27.31 8.91
N LEU K 154 -14.06 28.21 9.66
CA LEU K 154 -14.49 29.49 9.13
C LEU K 154 -13.34 30.47 8.93
N ALA K 155 -12.23 30.33 9.67
CA ALA K 155 -11.10 31.22 9.44
C ALA K 155 -10.17 30.72 8.35
N LYS K 156 -10.05 29.40 8.20
CA LYS K 156 -9.31 28.83 7.08
C LYS K 156 -9.76 29.45 5.76
N SER K 157 -11.07 29.72 5.65
CA SER K 157 -11.67 30.16 4.40
C SER K 157 -10.93 31.35 3.81
N ALA K 158 -10.56 32.32 4.64
CA ALA K 158 -10.06 33.60 4.16
C ALA K 158 -8.61 33.85 4.52
N SER K 159 -7.86 32.81 4.89
CA SER K 159 -6.41 32.91 5.10
C SER K 159 -6.07 33.93 6.19
N LEU K 160 -6.87 33.99 7.24
CA LEU K 160 -6.50 34.75 8.41
C LEU K 160 -5.45 34.01 9.20
N GLN K 161 -4.45 34.75 9.68
CA GLN K 161 -3.38 34.16 10.48
C GLN K 161 -3.54 34.43 11.97
N THR K 162 -3.92 35.64 12.36
CA THR K 162 -4.07 35.97 13.77
C THR K 162 -5.47 36.42 14.09
N VAL K 163 -5.91 36.08 15.29
CA VAL K 163 -7.18 36.52 15.86
C VAL K 163 -6.94 36.79 17.34
N VAL K 164 -7.38 37.94 17.82
CA VAL K 164 -7.16 38.32 19.22
C VAL K 164 -8.50 38.70 19.83
N CYS K 165 -8.70 38.32 21.08
CA CYS K 165 -9.91 38.61 21.82
C CYS K 165 -9.55 38.89 23.27
N PHE K 166 -10.17 39.91 23.86
CA PHE K 166 -9.81 40.30 25.22
C PHE K 166 -11.01 40.97 25.88
N PRO K 167 -11.10 40.91 27.20
CA PRO K 167 -12.18 41.61 27.91
C PRO K 167 -11.93 43.10 28.00
N PHE K 168 -13.00 43.87 27.83
CA PHE K 168 -12.91 45.32 27.84
C PHE K 168 -14.31 45.91 27.89
N LEU K 169 -14.48 46.96 28.69
CA LEU K 169 -15.74 47.72 28.73
C LEU K 169 -16.91 46.84 29.14
N GLY K 170 -16.65 45.91 30.06
CA GLY K 170 -17.69 45.00 30.50
C GLY K 170 -18.13 43.97 29.49
N GLY K 171 -17.48 43.90 28.32
CA GLY K 171 -17.72 42.87 27.34
C GLY K 171 -16.40 42.26 26.92
N VAL K 172 -16.34 41.83 25.66
CA VAL K 172 -15.08 41.41 25.04
C VAL K 172 -14.97 42.07 23.67
N LEU K 173 -13.75 42.50 23.32
CA LEU K 173 -13.44 43.03 22.00
C LEU K 173 -12.56 42.03 21.27
N GLU K 174 -12.89 41.81 20.00
CA GLU K 174 -12.16 40.91 19.12
C GLU K 174 -11.57 41.69 17.95
N ILE K 175 -10.38 41.29 17.52
CA ILE K 175 -9.67 41.92 16.42
C ILE K 175 -9.00 40.81 15.62
N GLY K 176 -8.80 41.02 14.33
CA GLY K 176 -8.20 39.99 13.50
C GLY K 176 -7.61 40.55 12.23
N THR K 177 -6.60 39.85 11.70
CA THR K 177 -5.98 40.23 10.44
C THR K 177 -5.50 38.99 9.71
N THR K 178 -5.15 39.19 8.45
CA THR K 178 -4.62 38.12 7.61
C THR K 178 -3.12 38.30 7.37
N GLU K 179 -2.37 38.46 8.46
CA GLU K 179 -0.92 38.53 8.40
C GLU K 179 -0.37 37.95 9.69
N HIS K 180 0.94 37.74 9.74
CA HIS K 180 1.59 37.19 10.93
C HIS K 180 2.03 38.34 11.84
N ILE K 181 1.48 38.37 13.06
CA ILE K 181 1.81 39.38 14.06
C ILE K 181 2.21 38.67 15.35
N LYS K 182 3.49 38.78 15.71
CA LYS K 182 3.95 38.21 16.97
C LYS K 182 3.24 38.91 18.13
N GLU K 183 2.86 38.13 19.15
CA GLU K 183 2.02 38.62 20.23
C GLU K 183 2.56 39.95 20.75
N ASP K 184 1.85 41.02 20.42
CA ASP K 184 2.23 42.39 20.72
C ASP K 184 1.08 42.97 21.54
N MET K 185 1.19 42.94 22.87
CA MET K 185 0.06 43.33 23.69
C MET K 185 -0.05 44.83 23.90
N ASN K 186 0.82 45.65 23.32
CA ASN K 186 0.57 47.08 23.41
C ASN K 186 -0.51 47.53 22.44
N VAL K 187 -0.91 46.68 21.49
CA VAL K 187 -1.99 47.07 20.58
C VAL K 187 -3.35 46.83 21.21
N ILE K 188 -3.43 46.00 22.26
CA ILE K 188 -4.64 46.01 23.08
C ILE K 188 -4.66 47.26 23.96
N GLN K 189 -3.49 47.86 24.22
CA GLN K 189 -3.48 49.16 24.86
C GLN K 189 -3.85 50.26 23.87
N SER K 190 -3.64 50.01 22.57
CA SER K 190 -3.99 50.99 21.57
C SER K 190 -5.49 51.09 21.37
N VAL K 191 -6.20 49.97 21.44
CA VAL K 191 -7.65 50.00 21.23
C VAL K 191 -8.32 50.81 22.33
N LYS K 192 -7.82 50.72 23.56
CA LYS K 192 -8.46 51.42 24.67
C LYS K 192 -8.11 52.89 24.68
N THR K 193 -6.82 53.21 24.54
CA THR K 193 -6.38 54.60 24.50
C THR K 193 -7.04 55.34 23.34
N LEU K 194 -7.06 54.72 22.17
CA LEU K 194 -7.64 55.38 21.01
C LEU K 194 -9.15 55.56 21.16
N PHE K 195 -9.79 54.66 21.90
CA PHE K 195 -11.20 54.80 22.22
C PHE K 195 -11.41 55.73 23.40
N THR L 9 -15.12 17.59 12.92
CA THR L 9 -16.37 17.52 12.16
C THR L 9 -17.47 18.31 12.86
N GLU L 10 -17.39 18.40 14.18
CA GLU L 10 -18.27 19.31 14.90
C GLU L 10 -18.10 20.73 14.40
N GLN L 11 -16.89 21.08 13.94
CA GLN L 11 -16.64 22.43 13.45
C GLN L 11 -17.38 22.69 12.14
N GLU L 12 -17.30 21.78 11.18
CA GLU L 12 -17.78 22.09 9.83
C GLU L 12 -19.31 22.21 9.78
N GLU L 13 -20.03 21.40 10.56
CA GLU L 13 -21.47 21.52 10.53
C GLU L 13 -22.01 22.67 11.37
N ASP L 14 -21.18 23.35 12.17
CA ASP L 14 -21.57 24.66 12.66
C ASP L 14 -21.89 25.58 11.50
N LEU L 15 -21.01 25.59 10.49
CA LEU L 15 -21.13 26.52 9.37
C LEU L 15 -22.27 26.14 8.44
N ILE L 16 -22.45 24.84 8.18
CA ILE L 16 -23.56 24.38 7.35
C ILE L 16 -24.88 24.81 7.97
N ILE L 17 -24.99 24.77 9.30
CA ILE L 17 -26.25 25.11 9.97
C ILE L 17 -26.61 26.57 9.70
N ARG L 18 -25.66 27.48 9.88
CA ARG L 18 -25.95 28.88 9.61
C ARG L 18 -26.01 29.18 8.12
N LEU L 19 -25.14 28.59 7.31
CA LEU L 19 -25.20 28.82 5.88
C LEU L 19 -26.55 28.36 5.32
N HIS L 20 -27.13 27.31 5.89
CA HIS L 20 -28.47 26.90 5.50
C HIS L 20 -29.51 27.88 6.03
N LYS L 21 -29.29 28.42 7.23
CA LYS L 21 -30.18 29.43 7.77
C LYS L 21 -30.20 30.69 6.92
N LEU L 22 -29.14 30.95 6.16
CA LEU L 22 -29.16 32.03 5.18
C LEU L 22 -29.02 31.44 3.78
#